data_2XM2
#
_entry.id   2XM2
#
_cell.length_a   51.510
_cell.length_b   93.440
_cell.length_c   98.920
_cell.angle_alpha   104.12
_cell.angle_beta   94.26
_cell.angle_gamma   102.92
#
_symmetry.space_group_name_H-M   'P 1'
#
loop_
_entity.id
_entity.type
_entity.pdbx_description
1 polymer 'O-GLCNACASE BT_4395'
2 non-polymer 'N-acetylglucosaminono-1,5-lactone (Z)-oxime'
3 non-polymer GLYCEROL
4 water water
#
_entity_poly.entity_id   1
_entity_poly.type   'polypeptide(L)'
_entity_poly.pdbx_seq_one_letter_code
;QNVSLQPPPQQLIVQNKTIDLPAVYQLNGGEEANPHAVKVLKELLSGKQSSKKGMLISIGEKGDKSVRKYSRQIPDHKEG
YYLSVNEKEIVLAGNDERGTYYALQTFAQLLKDGKLPEVEIKDYPSVRYRGVVEGFYGTPWSHQARLSQLKFYGKNKMNT
YIYGPKDDPYHSAPNWRLPYPDKEAAQLQELVAVANENEVDFVWAIHPGQDIKWNKEDRDLLLAKFEKMYQLGVRSFAVF
FDDISGEGTNPQKQAELLNYIDEKFAQVKPDINQLVMCPTEYNKSWSNPNGNYLTTLGDKLNPSIQIMWTGDRVISDITR
DGISWINERIKRPAYIWWNFPVSDYVRDHLLLGPVYGNDTTIAKEMSGFVTNPMEHAESSKIAIYSVASYAWNPAKYDTW
QTWKDAIRTILPSAAEELECFAMHNSDLGPNGHGYRREESMDIQPAAERFLKAFKEGKNYDKADFETLQYTFERMKESAD
ILLMNTENKPLIVEITPWVHQFKLTAEMGEEVLKMVEGRNESYFLRKYNHVKALQQQMFYIDQTSNQNPYQPGVKTATRV
IKPLIDRTFATVVKFFNQKFNAHLDATTDYMPHKMISNVEQIKNLPLQVKANRVLISPANEVVKWAAGNSVEIELDAIYP
GENIQINFGKDAPCTWGRLEISTDGKEWKTVDLKQKESRLSAGLQKAPVKFVRFTNVSDEEQQVYLRQFVLTIEKK
;
_entity_poly.pdbx_strand_id   A,B
#
# COMPACT_ATOMS: atom_id res chain seq x y z
N LEU A 5 -38.44 -14.87 3.10
CA LEU A 5 -37.83 -14.63 4.45
C LEU A 5 -36.56 -13.79 4.41
N GLN A 6 -36.54 -12.71 5.20
CA GLN A 6 -35.36 -11.85 5.34
C GLN A 6 -35.12 -11.59 6.82
N PRO A 7 -33.89 -11.86 7.30
CA PRO A 7 -32.79 -12.54 6.60
C PRO A 7 -33.20 -13.95 6.28
N PRO A 8 -32.61 -14.54 5.22
CA PRO A 8 -32.88 -15.95 4.99
C PRO A 8 -32.32 -16.83 6.15
N PRO A 9 -33.09 -17.82 6.58
CA PRO A 9 -32.61 -18.76 7.63
C PRO A 9 -31.43 -19.66 7.22
N GLN A 10 -30.66 -20.08 8.21
CA GLN A 10 -29.51 -20.95 8.01
C GLN A 10 -29.90 -22.26 7.33
N GLN A 11 -31.05 -22.79 7.75
CA GLN A 11 -31.60 -24.03 7.21
C GLN A 11 -33.13 -23.93 7.17
N LEU A 12 -33.69 -24.43 6.07
CA LEU A 12 -35.08 -24.37 5.82
C LEU A 12 -35.45 -25.62 5.05
N ILE A 13 -36.41 -26.35 5.59
CA ILE A 13 -37.01 -27.45 4.83
C ILE A 13 -38.44 -27.03 4.65
N VAL A 14 -38.87 -27.01 3.39
CA VAL A 14 -40.24 -26.63 3.07
C VAL A 14 -41.01 -27.86 2.66
N GLN A 15 -42.19 -28.04 3.22
CA GLN A 15 -43.21 -28.91 2.62
C GLN A 15 -44.09 -27.99 1.79
N ASN A 16 -44.48 -28.45 0.62
CA ASN A 16 -45.44 -27.68 -0.18
C ASN A 16 -46.87 -28.12 0.13
N LYS A 17 -47.14 -28.14 1.43
CA LYS A 17 -48.49 -28.06 1.97
C LYS A 17 -48.56 -26.71 2.69
N THR A 18 -49.77 -26.20 2.86
CA THR A 18 -50.00 -25.08 3.76
C THR A 18 -51.10 -25.46 4.74
N ILE A 19 -51.11 -24.79 5.88
CA ILE A 19 -52.12 -25.01 6.91
C ILE A 19 -52.75 -23.67 7.35
N ASP A 20 -53.96 -23.74 7.91
CA ASP A 20 -54.61 -22.55 8.49
C ASP A 20 -54.03 -22.23 9.85
N LEU A 21 -53.81 -20.94 10.10
CA LEU A 21 -53.49 -20.42 11.43
C LEU A 21 -54.63 -20.75 12.38
N PRO A 22 -54.35 -21.52 13.45
CA PRO A 22 -55.37 -22.06 14.34
C PRO A 22 -56.36 -21.01 14.88
N ALA A 23 -57.64 -21.21 14.57
CA ALA A 23 -58.74 -20.43 15.13
C ALA A 23 -58.94 -20.77 16.62
N VAL A 24 -58.83 -22.07 16.93
CA VAL A 24 -58.71 -22.57 18.30
C VAL A 24 -57.31 -23.16 18.51
N TYR A 25 -56.65 -22.77 19.60
CA TYR A 25 -55.27 -23.19 19.87
C TYR A 25 -54.98 -23.29 21.35
N GLN A 26 -54.12 -24.23 21.69
CA GLN A 26 -53.62 -24.36 23.05
C GLN A 26 -52.23 -23.75 23.11
N LEU A 27 -52.07 -22.67 23.87
CA LEU A 27 -50.73 -22.07 24.05
C LEU A 27 -50.04 -22.64 25.28
N ASN A 28 -48.78 -23.02 25.06
CA ASN A 28 -47.92 -23.67 26.02
C ASN A 28 -46.63 -22.86 26.13
N GLY A 29 -46.28 -22.46 27.35
CA GLY A 29 -45.04 -21.72 27.60
C GLY A 29 -45.18 -20.20 27.59
N GLY A 30 -46.43 -19.75 27.56
CA GLY A 30 -46.76 -18.33 27.51
C GLY A 30 -46.24 -17.55 28.69
N GLU A 31 -46.36 -18.15 29.86
CA GLU A 31 -45.99 -17.48 31.10
C GLU A 31 -44.50 -17.48 31.35
N GLU A 32 -43.75 -18.32 30.63
CA GLU A 32 -42.32 -18.49 30.92
C GLU A 32 -41.39 -18.11 29.75
N ALA A 33 -41.95 -17.92 28.57
CA ALA A 33 -41.13 -17.44 27.45
C ALA A 33 -40.81 -15.92 27.48
N ASN A 34 -39.83 -15.50 26.67
CA ASN A 34 -39.49 -14.05 26.55
C ASN A 34 -40.80 -13.27 26.39
N PRO A 35 -41.14 -12.36 27.35
CA PRO A 35 -42.42 -11.59 27.19
C PRO A 35 -42.49 -10.81 25.86
N HIS A 36 -41.35 -10.29 25.39
CA HIS A 36 -41.33 -9.57 24.11
C HIS A 36 -41.81 -10.47 22.96
N ALA A 37 -41.44 -11.75 23.02
CA ALA A 37 -41.85 -12.71 21.98
C ALA A 37 -43.31 -13.10 22.13
N VAL A 38 -43.78 -13.23 23.38
CA VAL A 38 -45.18 -13.64 23.64
C VAL A 38 -46.19 -12.55 23.21
N LYS A 39 -45.80 -11.31 23.43
CA LYS A 39 -46.59 -10.17 23.02
C LYS A 39 -46.77 -10.13 21.49
N VAL A 40 -45.68 -10.38 20.78
CA VAL A 40 -45.75 -10.46 19.33
C VAL A 40 -46.67 -11.61 18.88
N LEU A 41 -46.46 -12.81 19.45
CA LEU A 41 -47.35 -13.97 19.19
C LEU A 41 -48.81 -13.67 19.52
N LYS A 42 -49.03 -12.95 20.61
CA LYS A 42 -50.39 -12.57 20.98
C LYS A 42 -51.07 -11.59 20.05
N GLU A 43 -50.30 -10.76 19.34
CA GLU A 43 -50.88 -9.83 18.35
C GLU A 43 -51.25 -10.55 17.08
N LEU A 44 -50.47 -11.56 16.71
CA LEU A 44 -50.70 -12.34 15.49
C LEU A 44 -51.91 -13.26 15.64
N LEU A 45 -52.15 -13.74 16.86
CA LEU A 45 -53.30 -14.59 17.21
C LEU A 45 -54.45 -13.72 17.67
N SER A 46 -54.31 -12.41 17.49
CA SER A 46 -55.39 -11.50 17.80
C SER A 46 -56.67 -12.01 17.11
N GLY A 47 -57.80 -11.79 17.78
CA GLY A 47 -59.09 -12.22 17.25
C GLY A 47 -59.41 -13.65 17.62
N LYS A 48 -58.38 -14.49 17.74
CA LYS A 48 -58.57 -15.91 18.03
C LYS A 48 -58.74 -16.19 19.52
N MET A 55 -55.23 -26.80 18.31
CA MET A 55 -53.84 -26.92 17.89
C MET A 55 -52.89 -26.43 18.98
N LEU A 56 -51.83 -27.20 19.21
CA LEU A 56 -50.87 -26.87 20.23
C LEU A 56 -49.85 -25.86 19.71
N ILE A 57 -49.54 -24.85 20.52
CA ILE A 57 -48.47 -23.91 20.21
C ILE A 57 -47.47 -23.76 21.36
N SER A 58 -46.23 -24.17 21.08
CA SER A 58 -45.18 -24.20 22.09
C SER A 58 -44.16 -23.10 21.87
N ILE A 59 -44.10 -22.18 22.83
CA ILE A 59 -43.14 -21.10 22.81
C ILE A 59 -42.26 -21.16 24.06
N GLY A 60 -40.94 -20.91 23.92
CA GLY A 60 -40.05 -20.97 25.08
C GLY A 60 -38.57 -20.92 24.74
N GLU A 61 -37.75 -20.77 25.77
CA GLU A 61 -36.30 -20.87 25.59
C GLU A 61 -35.87 -22.28 26.01
N LYS A 62 -34.87 -22.82 25.31
CA LYS A 62 -34.20 -24.04 25.73
C LYS A 62 -34.06 -24.03 27.26
N GLY A 63 -34.59 -25.07 27.90
CA GLY A 63 -34.61 -25.17 29.36
C GLY A 63 -35.99 -24.98 29.95
N ASP A 64 -36.86 -24.24 29.24
CA ASP A 64 -38.27 -24.19 29.61
C ASP A 64 -38.89 -25.57 29.41
N LYS A 65 -39.84 -25.90 30.28
CA LYS A 65 -40.62 -27.15 30.19
C LYS A 65 -41.39 -27.22 28.87
N SER A 66 -41.87 -26.06 28.41
CA SER A 66 -42.64 -25.97 27.18
C SER A 66 -41.92 -26.59 25.95
N VAL A 67 -40.60 -26.48 25.88
CA VAL A 67 -39.84 -26.86 24.65
C VAL A 67 -38.84 -28.02 24.84
N ARG A 68 -39.03 -28.80 25.90
CA ARG A 68 -38.21 -29.95 26.24
C ARG A 68 -38.04 -30.97 25.12
N LYS A 69 -39.12 -31.22 24.39
CA LYS A 69 -39.18 -32.20 23.29
C LYS A 69 -38.28 -31.79 22.12
N TYR A 70 -38.02 -30.50 22.02
CA TYR A 70 -37.28 -29.95 20.87
C TYR A 70 -35.86 -29.54 21.21
N SER A 71 -35.41 -29.85 22.43
CA SER A 71 -34.11 -29.35 22.91
C SER A 71 -32.94 -29.69 21.98
N ARG A 72 -33.02 -30.84 21.30
CA ARG A 72 -31.99 -31.23 20.37
C ARG A 72 -32.08 -30.55 19.02
N GLN A 73 -33.24 -29.99 18.68
CA GLN A 73 -33.34 -29.26 17.42
C GLN A 73 -33.00 -27.75 17.50
N ILE A 74 -33.09 -27.19 18.71
CA ILE A 74 -32.73 -25.78 18.95
C ILE A 74 -31.22 -25.59 18.70
N PRO A 75 -30.84 -24.77 17.68
CA PRO A 75 -29.40 -24.64 17.41
C PRO A 75 -28.63 -24.17 18.65
N ASP A 76 -27.40 -24.64 18.85
CA ASP A 76 -26.61 -24.20 20.02
C ASP A 76 -25.78 -22.95 19.73
N HIS A 77 -26.48 -21.89 19.37
CA HIS A 77 -25.87 -20.60 18.99
C HIS A 77 -26.61 -19.51 19.74
N LYS A 78 -25.86 -18.50 20.19
CA LYS A 78 -26.46 -17.25 20.68
C LYS A 78 -27.48 -16.74 19.67
N GLU A 79 -28.69 -16.43 20.16
CA GLU A 79 -29.77 -15.87 19.37
CA GLU A 79 -29.72 -15.84 19.31
C GLU A 79 -30.34 -16.86 18.35
N GLY A 80 -29.98 -18.14 18.50
CA GLY A 80 -30.52 -19.22 17.66
C GLY A 80 -31.95 -19.60 18.01
N TYR A 81 -32.66 -20.26 17.08
CA TYR A 81 -34.01 -20.78 17.37
C TYR A 81 -34.37 -21.93 16.43
N TYR A 82 -35.30 -22.77 16.86
CA TYR A 82 -35.94 -23.77 16.05
C TYR A 82 -37.41 -23.36 15.81
N LEU A 83 -37.87 -23.45 14.56
CA LEU A 83 -39.25 -23.10 14.27
C LEU A 83 -39.95 -24.20 13.49
N SER A 84 -41.15 -24.56 13.91
CA SER A 84 -41.82 -25.65 13.20
C SER A 84 -43.27 -25.37 13.02
N VAL A 85 -43.77 -25.66 11.82
CA VAL A 85 -45.19 -25.62 11.54
C VAL A 85 -45.57 -26.91 10.81
N ASN A 86 -46.42 -27.71 11.43
CA ASN A 86 -47.10 -28.79 10.72
C ASN A 86 -48.58 -28.80 11.07
N GLU A 87 -49.28 -29.85 10.65
CA GLU A 87 -50.72 -29.94 10.84
C GLU A 87 -51.14 -30.09 12.31
N LYS A 88 -50.24 -30.63 13.14
CA LYS A 88 -50.56 -30.94 14.55
C LYS A 88 -50.11 -29.89 15.55
N GLU A 89 -49.04 -29.16 15.23
CA GLU A 89 -48.55 -28.13 16.12
C GLU A 89 -47.53 -27.13 15.54
N ILE A 90 -47.42 -25.99 16.23
CA ILE A 90 -46.44 -24.96 15.92
C ILE A 90 -45.42 -24.84 17.05
N VAL A 91 -44.14 -24.74 16.71
CA VAL A 91 -43.06 -24.69 17.68
C VAL A 91 -42.21 -23.43 17.40
N LEU A 92 -41.93 -22.68 18.47
CA LEU A 92 -41.18 -21.45 18.44
C LEU A 92 -40.24 -21.42 19.66
N ALA A 93 -38.98 -21.85 19.43
CA ALA A 93 -38.12 -22.29 20.53
C ALA A 93 -36.78 -21.68 20.36
N GLY A 94 -36.43 -20.73 21.22
CA GLY A 94 -35.14 -20.05 21.09
C GLY A 94 -34.08 -20.76 21.92
N ASN A 95 -32.82 -20.60 21.51
CA ASN A 95 -31.73 -21.06 22.33
C ASN A 95 -31.62 -20.17 23.57
N ASP A 96 -32.06 -18.92 23.45
CA ASP A 96 -32.08 -17.90 24.54
C ASP A 96 -33.26 -16.95 24.28
N GLU A 97 -33.52 -15.99 25.18
CA GLU A 97 -34.68 -15.10 25.02
C GLU A 97 -34.76 -14.34 23.69
N ARG A 98 -33.62 -13.85 23.22
CA ARG A 98 -33.61 -13.13 21.95
C ARG A 98 -33.90 -14.07 20.79
N GLY A 99 -33.42 -15.30 20.89
CA GLY A 99 -33.71 -16.33 19.87
C GLY A 99 -35.21 -16.55 19.73
N THR A 100 -35.94 -16.55 20.85
CA THR A 100 -37.38 -16.76 20.82
C THR A 100 -38.08 -15.63 20.05
N TYR A 101 -37.66 -14.40 20.37
CA TYR A 101 -38.11 -13.21 19.67
C TYR A 101 -37.86 -13.30 18.19
N TYR A 102 -36.64 -13.70 17.82
CA TYR A 102 -36.30 -13.87 16.42
C TYR A 102 -37.14 -14.95 15.71
N ALA A 103 -37.49 -16.03 16.44
CA ALA A 103 -38.37 -17.07 15.89
C ALA A 103 -39.69 -16.45 15.53
N LEU A 104 -40.16 -15.56 16.41
CA LEU A 104 -41.42 -14.88 16.19
C LEU A 104 -41.37 -13.93 14.99
N GLN A 105 -40.23 -13.29 14.76
CA GLN A 105 -40.11 -12.39 13.63
C GLN A 105 -40.09 -13.16 12.30
N THR A 106 -39.58 -14.38 12.33
CA THR A 106 -39.64 -15.23 11.18
C THR A 106 -41.07 -15.73 10.99
N PHE A 107 -41.68 -16.10 12.09
CA PHE A 107 -43.03 -16.63 12.07
C PHE A 107 -43.98 -15.59 11.51
N ALA A 108 -43.76 -14.32 11.86
CA ALA A 108 -44.61 -13.23 11.34
C ALA A 108 -44.53 -13.08 9.81
N GLN A 109 -43.37 -13.34 9.22
CA GLN A 109 -43.22 -13.31 7.76
C GLN A 109 -43.86 -14.52 7.02
N LEU A 110 -43.94 -15.68 7.69
CA LEU A 110 -44.61 -16.89 7.15
C LEU A 110 -46.12 -16.77 7.03
N LEU A 111 -46.71 -16.05 7.99
CA LEU A 111 -48.16 -15.85 8.03
C LEU A 111 -48.60 -14.92 6.90
N LYS A 112 -49.38 -15.44 5.95
CA LYS A 112 -49.96 -14.64 4.87
C LYS A 112 -51.43 -14.94 4.67
N ASP A 113 -52.27 -13.92 4.89
CA ASP A 113 -53.73 -14.03 4.85
C ASP A 113 -54.27 -15.21 5.63
N GLY A 114 -53.93 -15.24 6.92
CA GLY A 114 -54.38 -16.27 7.85
C GLY A 114 -53.85 -17.66 7.56
N LYS A 115 -52.78 -17.77 6.78
CA LYS A 115 -52.25 -19.07 6.41
C LYS A 115 -50.76 -19.23 6.64
N LEU A 116 -50.36 -20.48 6.88
CA LEU A 116 -48.98 -20.78 7.18
C LEU A 116 -48.51 -21.93 6.32
N PRO A 117 -47.26 -21.85 5.86
CA PRO A 117 -46.68 -23.01 5.20
C PRO A 117 -46.16 -24.03 6.23
N GLU A 118 -46.25 -25.32 5.90
CA GLU A 118 -45.60 -26.38 6.65
C GLU A 118 -44.10 -26.29 6.40
N VAL A 119 -43.36 -25.94 7.45
CA VAL A 119 -41.93 -25.65 7.38
C VAL A 119 -41.21 -26.07 8.67
N GLU A 120 -39.90 -26.23 8.55
CA GLU A 120 -39.03 -26.49 9.68
C GLU A 120 -37.74 -25.67 9.46
N ILE A 121 -37.44 -24.80 10.42
CA ILE A 121 -36.32 -23.88 10.33
C ILE A 121 -35.43 -24.04 11.55
N LYS A 122 -34.14 -24.15 11.28
CA LYS A 122 -33.09 -24.00 12.30
C LYS A 122 -32.26 -22.79 11.86
N ASP A 123 -32.12 -21.80 12.75
CA ASP A 123 -31.60 -20.49 12.34
C ASP A 123 -30.78 -19.84 13.43
N TYR A 124 -29.87 -18.97 13.03
CA TYR A 124 -28.97 -18.32 13.98
C TYR A 124 -28.21 -17.33 13.14
N PRO A 125 -27.67 -16.26 13.75
CA PRO A 125 -26.91 -15.32 12.97
C PRO A 125 -25.45 -15.74 12.80
N SER A 126 -24.86 -15.45 11.65
CA SER A 126 -23.43 -15.67 11.46
C SER A 126 -22.50 -14.61 12.12
N VAL A 127 -23.02 -13.40 12.33
CA VAL A 127 -22.24 -12.31 12.96
C VAL A 127 -22.96 -11.93 14.26
N ARG A 128 -22.20 -11.79 15.34
CA ARG A 128 -22.78 -11.67 16.68
C ARG A 128 -23.52 -10.33 16.91
N TYR A 129 -22.90 -9.23 16.50
CA TYR A 129 -23.54 -7.89 16.60
C TYR A 129 -23.86 -7.34 15.21
N ARG A 130 -25.11 -6.92 15.04
CA ARG A 130 -25.65 -6.52 13.73
C ARG A 130 -26.57 -5.33 13.90
N GLY A 131 -26.31 -4.28 13.14
CA GLY A 131 -27.19 -3.12 13.24
C GLY A 131 -26.71 -1.87 12.59
N VAL A 132 -26.97 -0.75 13.29
CA VAL A 132 -26.79 0.58 12.76
C VAL A 132 -26.02 1.46 13.75
N VAL A 133 -25.06 2.23 13.22
CA VAL A 133 -24.49 3.29 13.98
C VAL A 133 -25.08 4.58 13.42
N GLU A 134 -25.87 5.32 14.23
CA GLU A 134 -26.18 6.69 13.79
C GLU A 134 -24.96 7.56 14.08
N GLY A 135 -24.04 7.62 13.12
CA GLY A 135 -22.71 8.18 13.38
C GLY A 135 -22.26 9.21 12.38
N PHE A 136 -23.21 9.75 11.62
CA PHE A 136 -22.89 10.66 10.50
C PHE A 136 -22.84 12.10 10.98
N TYR A 137 -22.26 12.96 10.15
CA TYR A 137 -22.33 14.42 10.23
C TYR A 137 -23.62 14.89 9.57
N GLY A 138 -24.25 15.90 10.15
CA GLY A 138 -25.52 16.43 9.56
C GLY A 138 -26.62 16.48 10.60
N THR A 139 -27.84 16.86 10.18
CA THR A 139 -28.97 16.86 11.09
C THR A 139 -29.19 15.48 11.72
N PRO A 140 -29.05 15.38 13.06
CA PRO A 140 -29.29 14.06 13.70
C PRO A 140 -30.74 13.59 13.40
N TRP A 141 -30.95 12.28 13.26
CA TRP A 141 -32.33 11.77 13.16
C TRP A 141 -33.26 12.35 14.21
N SER A 142 -34.52 12.58 13.81
CA SER A 142 -35.54 13.03 14.72
C SER A 142 -35.95 11.91 15.69
N HIS A 143 -36.51 12.32 16.81
CA HIS A 143 -36.91 11.35 17.81
C HIS A 143 -37.90 10.37 17.20
N GLN A 144 -38.85 10.86 16.40
CA GLN A 144 -39.89 9.98 15.82
C GLN A 144 -39.23 9.01 14.83
N ALA A 145 -38.27 9.51 14.08
CA ALA A 145 -37.52 8.64 13.16
C ALA A 145 -36.76 7.52 13.89
N ARG A 146 -36.09 7.85 14.99
CA ARG A 146 -35.46 6.82 15.83
C ARG A 146 -36.44 5.78 16.39
N LEU A 147 -37.62 6.23 16.80
CA LEU A 147 -38.61 5.28 17.29
C LEU A 147 -38.93 4.28 16.18
N SER A 148 -39.09 4.78 14.96
CA SER A 148 -39.43 3.95 13.83
C SER A 148 -38.31 3.00 13.49
N GLN A 149 -37.07 3.47 13.59
CA GLN A 149 -35.90 2.66 13.28
C GLN A 149 -35.82 1.48 14.22
N LEU A 150 -36.08 1.72 15.51
CA LEU A 150 -35.86 0.67 16.50
C LEU A 150 -36.75 -0.52 16.24
N LYS A 151 -38.00 -0.26 15.93
CA LYS A 151 -38.99 -1.29 15.56
C LYS A 151 -38.62 -2.05 14.28
N PHE A 152 -38.09 -1.29 13.32
CA PHE A 152 -37.55 -1.84 12.08
C PHE A 152 -36.41 -2.79 12.41
N TYR A 153 -35.48 -2.38 13.31
CA TYR A 153 -34.36 -3.27 13.64
C TYR A 153 -34.82 -4.60 14.24
N GLY A 154 -35.76 -4.57 15.18
CA GLY A 154 -36.30 -5.80 15.73
C GLY A 154 -36.96 -6.73 14.70
N LYS A 155 -37.68 -6.17 13.74
CA LYS A 155 -38.29 -7.01 12.71
C LYS A 155 -37.24 -7.69 11.85
N ASN A 156 -36.08 -7.06 11.73
CA ASN A 156 -35.04 -7.63 10.87
C ASN A 156 -33.84 -8.27 11.59
N LYS A 157 -34.02 -8.53 12.89
CA LYS A 157 -33.00 -9.23 13.74
C LYS A 157 -31.68 -8.47 13.81
N MET A 158 -31.76 -7.14 13.79
CA MET A 158 -30.63 -6.30 14.16
C MET A 158 -30.68 -6.06 15.69
N ASN A 159 -29.59 -6.39 16.37
CA ASN A 159 -29.60 -6.34 17.85
C ASN A 159 -28.79 -5.12 18.35
N THR A 160 -28.37 -4.26 17.45
CA THR A 160 -27.44 -3.18 17.84
C THR A 160 -27.84 -1.83 17.24
N TYR A 161 -27.97 -0.81 18.08
CA TYR A 161 -28.12 0.58 17.68
C TYR A 161 -27.11 1.41 18.43
N ILE A 162 -26.11 1.90 17.72
CA ILE A 162 -25.14 2.75 18.34
C ILE A 162 -25.54 4.19 18.07
N TYR A 163 -25.90 4.88 19.16
CA TYR A 163 -26.17 6.30 19.08
C TYR A 163 -24.86 7.12 19.11
N GLY A 164 -24.53 7.85 18.01
CA GLY A 164 -23.39 8.75 18.03
C GLY A 164 -23.40 9.85 16.95
N PRO A 165 -24.49 10.66 16.84
CA PRO A 165 -24.51 11.69 15.76
C PRO A 165 -23.43 12.71 16.03
N LYS A 166 -22.52 12.91 15.05
CA LYS A 166 -21.42 13.84 15.21
C LYS A 166 -21.84 15.25 15.65
N ASP A 167 -23.03 15.67 15.22
CA ASP A 167 -23.48 17.01 15.55
C ASP A 167 -24.36 17.16 16.81
N ASP A 168 -24.53 16.08 17.56
CA ASP A 168 -25.15 16.15 18.91
C ASP A 168 -24.10 16.75 19.91
N PRO A 169 -24.34 17.99 20.45
CA PRO A 169 -23.30 18.57 21.29
C PRO A 169 -23.10 17.81 22.59
N TYR A 170 -24.08 17.02 23.06
CA TYR A 170 -23.87 16.22 24.29
C TYR A 170 -23.12 14.88 24.01
N HIS A 171 -22.88 14.58 22.73
CA HIS A 171 -22.09 13.40 22.26
C HIS A 171 -20.62 13.77 22.06
N SER A 172 -20.41 14.94 21.46
CA SER A 172 -19.11 15.31 21.02
C SER A 172 -18.66 16.56 21.81
N ALA A 173 -17.62 17.22 21.33
CA ALA A 173 -16.96 18.26 22.15
C ALA A 173 -17.62 19.60 21.97
N PRO A 174 -17.69 20.46 23.04
CA PRO A 174 -17.26 20.31 24.47
C PRO A 174 -18.29 19.73 25.40
N ASN A 175 -19.57 19.73 24.97
CA ASN A 175 -20.63 19.37 25.91
C ASN A 175 -20.80 17.88 26.16
N TRP A 176 -19.84 17.09 25.69
CA TRP A 176 -19.79 15.66 26.05
C TRP A 176 -19.77 15.50 27.56
N ARG A 177 -19.11 16.46 28.21
CA ARG A 177 -19.03 16.52 29.66
C ARG A 177 -20.37 16.79 30.39
N LEU A 178 -21.36 17.33 29.70
CA LEU A 178 -22.63 17.73 30.36
C LEU A 178 -23.70 16.68 30.20
N PRO A 179 -24.47 16.41 31.27
CA PRO A 179 -25.64 15.55 31.10
C PRO A 179 -26.61 16.21 30.09
N TYR A 180 -27.41 15.40 29.42
CA TYR A 180 -28.44 15.90 28.52
C TYR A 180 -29.46 16.71 29.28
N PRO A 181 -29.98 17.75 28.64
CA PRO A 181 -31.09 18.51 29.22
C PRO A 181 -32.29 17.60 29.43
N ASP A 182 -33.20 18.02 30.28
CA ASP A 182 -34.34 17.19 30.67
C ASP A 182 -35.13 16.61 29.54
N LYS A 183 -35.44 17.43 28.54
CA LYS A 183 -36.27 16.99 27.42
C LYS A 183 -35.59 15.90 26.60
N GLU A 184 -34.37 16.15 26.18
CA GLU A 184 -33.56 15.16 25.50
C GLU A 184 -33.34 13.90 26.34
N ALA A 185 -33.16 14.09 27.65
CA ALA A 185 -32.98 12.97 28.57
C ALA A 185 -34.17 12.05 28.56
N ALA A 186 -35.39 12.60 28.69
CA ALA A 186 -36.63 11.82 28.63
C ALA A 186 -36.85 11.13 27.28
N GLN A 187 -36.44 11.78 26.19
CA GLN A 187 -36.46 11.16 24.89
C GLN A 187 -35.53 9.95 24.83
N LEU A 188 -34.26 10.11 25.23
CA LEU A 188 -33.35 8.95 25.24
C LEU A 188 -33.87 7.82 26.13
N GLN A 189 -34.37 8.20 27.30
CA GLN A 189 -35.00 7.24 28.20
C GLN A 189 -36.10 6.44 27.43
N GLU A 190 -36.94 7.11 26.65
CA GLU A 190 -37.95 6.40 25.84
C GLU A 190 -37.31 5.56 24.76
N LEU A 191 -36.29 6.09 24.06
CA LEU A 191 -35.62 5.26 23.08
C LEU A 191 -35.05 3.93 23.65
N VAL A 192 -34.44 4.00 24.83
CA VAL A 192 -33.92 2.80 25.47
C VAL A 192 -35.06 1.79 25.74
N ALA A 193 -36.17 2.27 26.24
CA ALA A 193 -37.27 1.34 26.55
C ALA A 193 -37.76 0.62 25.29
N VAL A 194 -37.97 1.39 24.23
CA VAL A 194 -38.39 0.88 22.93
C VAL A 194 -37.31 -0.07 22.36
N ALA A 195 -36.03 0.31 22.45
CA ALA A 195 -34.95 -0.58 22.06
C ALA A 195 -35.09 -1.92 22.82
N ASN A 196 -35.29 -1.84 24.14
CA ASN A 196 -35.35 -3.05 24.94
C ASN A 196 -36.48 -3.95 24.43
N GLU A 197 -37.66 -3.37 24.18
CA GLU A 197 -38.86 -4.15 23.73
C GLU A 197 -38.63 -4.80 22.34
N ASN A 198 -37.68 -4.30 21.57
CA ASN A 198 -37.40 -4.84 20.22
C ASN A 198 -36.09 -5.64 20.16
N GLU A 199 -35.58 -6.00 21.35
CA GLU A 199 -34.34 -6.73 21.51
C GLU A 199 -33.08 -6.09 20.93
N VAL A 200 -33.02 -4.76 20.93
CA VAL A 200 -31.90 -4.03 20.40
C VAL A 200 -31.13 -3.46 21.60
N ASP A 201 -29.83 -3.69 21.62
CA ASP A 201 -28.92 -3.03 22.52
C ASP A 201 -28.80 -1.58 22.06
N PHE A 202 -29.32 -0.65 22.87
CA PHE A 202 -29.03 0.76 22.68
C PHE A 202 -27.60 1.03 23.17
N VAL A 203 -26.71 1.29 22.25
CA VAL A 203 -25.36 1.61 22.64
C VAL A 203 -25.13 3.13 22.62
N TRP A 204 -24.91 3.72 23.79
CA TRP A 204 -24.60 5.16 23.80
C TRP A 204 -23.10 5.50 23.63
N ALA A 205 -22.79 6.19 22.55
CA ALA A 205 -21.36 6.55 22.29
C ALA A 205 -21.10 7.97 22.77
N ILE A 206 -19.84 8.23 23.10
CA ILE A 206 -19.30 9.52 23.46
C ILE A 206 -18.11 9.72 22.56
N HIS A 207 -17.80 11.00 22.27
CA HIS A 207 -16.78 11.41 21.29
C HIS A 207 -15.93 12.52 21.89
N PRO A 208 -15.00 12.15 22.79
CA PRO A 208 -14.47 13.18 23.65
C PRO A 208 -13.10 13.65 23.20
N GLY A 209 -12.53 12.96 22.21
CA GLY A 209 -11.10 13.01 21.99
C GLY A 209 -10.60 14.34 21.48
N GLN A 210 -11.46 15.18 20.89
CA GLN A 210 -10.89 16.42 20.32
C GLN A 210 -10.39 17.39 21.40
N ASP A 211 -11.04 17.39 22.56
CA ASP A 211 -10.58 18.24 23.66
C ASP A 211 -10.43 17.54 25.01
N ILE A 212 -10.32 16.22 25.05
CA ILE A 212 -10.09 15.53 26.30
C ILE A 212 -8.70 15.88 26.86
N LYS A 213 -8.62 16.09 28.18
CA LYS A 213 -7.34 16.14 28.84
C LYS A 213 -7.14 14.78 29.54
N TRP A 214 -5.93 14.25 29.47
CA TRP A 214 -5.59 12.98 30.14
C TRP A 214 -5.34 13.23 31.63
N ASN A 215 -6.39 13.64 32.35
CA ASN A 215 -6.30 13.90 33.80
C ASN A 215 -7.51 13.23 34.53
N LYS A 216 -7.45 13.18 35.86
CA LYS A 216 -8.56 12.73 36.70
C LYS A 216 -9.83 13.53 36.45
N GLU A 217 -9.74 14.85 36.35
CA GLU A 217 -10.94 15.64 36.10
C GLU A 217 -11.82 15.17 34.89
N ASP A 218 -11.21 15.00 33.70
CA ASP A 218 -11.94 14.63 32.47
C ASP A 218 -12.36 13.14 32.46
N ARG A 219 -11.55 12.30 33.09
CA ARG A 219 -11.87 10.88 33.24
C ARG A 219 -13.12 10.73 34.11
N ASP A 220 -13.12 11.40 35.25
CA ASP A 220 -14.28 11.42 36.11
C ASP A 220 -15.51 12.03 35.44
N LEU A 221 -15.35 13.11 34.65
CA LEU A 221 -16.51 13.67 33.96
C LEU A 221 -17.07 12.66 32.94
N LEU A 222 -16.18 11.94 32.28
CA LEU A 222 -16.61 10.93 31.34
C LEU A 222 -17.38 9.82 32.06
N LEU A 223 -16.83 9.31 33.15
CA LEU A 223 -17.51 8.29 33.92
C LEU A 223 -18.81 8.81 34.51
N ALA A 224 -18.82 10.06 34.97
CA ALA A 224 -20.07 10.66 35.47
C ALA A 224 -21.14 10.76 34.37
N LYS A 225 -20.71 11.05 33.15
CA LYS A 225 -21.60 11.11 32.02
C LYS A 225 -22.15 9.70 31.71
N PHE A 226 -21.27 8.70 31.69
CA PHE A 226 -21.68 7.30 31.51
C PHE A 226 -22.66 6.93 32.62
N GLU A 227 -22.41 7.37 33.87
CA GLU A 227 -23.35 7.08 34.96
C GLU A 227 -24.75 7.70 34.72
N LYS A 228 -24.77 8.95 34.27
CA LYS A 228 -26.06 9.58 33.91
C LYS A 228 -26.79 8.79 32.85
N MET A 229 -26.08 8.38 31.80
CA MET A 229 -26.71 7.55 30.75
C MET A 229 -27.21 6.22 31.33
N TYR A 230 -26.43 5.64 32.25
CA TYR A 230 -26.88 4.38 32.88
C TYR A 230 -28.25 4.59 33.62
N GLN A 231 -28.33 5.70 34.36
CA GLN A 231 -29.59 6.07 35.04
C GLN A 231 -30.77 6.23 34.07
N LEU A 232 -30.49 6.63 32.84
CA LEU A 232 -31.52 6.66 31.79
C LEU A 232 -31.88 5.28 31.18
N GLY A 233 -31.17 4.22 31.59
CA GLY A 233 -31.54 2.86 31.18
C GLY A 233 -30.52 2.27 30.21
N VAL A 234 -29.51 3.06 29.83
CA VAL A 234 -28.49 2.62 28.88
C VAL A 234 -27.61 1.53 29.51
N ARG A 235 -27.32 0.47 28.72
CA ARG A 235 -26.58 -0.71 29.23
C ARG A 235 -25.42 -1.12 28.29
N SER A 236 -25.22 -0.42 27.19
CA SER A 236 -23.98 -0.62 26.38
C SER A 236 -23.41 0.77 26.04
N PHE A 237 -22.09 0.85 25.85
CA PHE A 237 -21.42 2.14 25.80
C PHE A 237 -20.33 2.06 24.77
N ALA A 238 -19.98 3.20 24.18
CA ALA A 238 -18.85 3.23 23.24
C ALA A 238 -18.10 4.53 23.47
N VAL A 239 -16.80 4.53 23.14
CA VAL A 239 -16.00 5.74 23.16
C VAL A 239 -15.42 5.86 21.79
N PHE A 240 -15.70 6.97 21.11
CA PHE A 240 -15.19 7.17 19.74
C PHE A 240 -14.01 8.12 19.71
N PHE A 241 -12.95 7.73 19.02
CA PHE A 241 -11.81 8.60 18.85
C PHE A 241 -11.49 8.88 17.37
N ASP A 242 -12.52 8.87 16.54
CA ASP A 242 -12.37 9.10 15.11
C ASP A 242 -12.38 10.59 14.73
N ASP A 243 -11.68 10.92 13.66
CA ASP A 243 -11.74 12.27 13.11
C ASP A 243 -11.27 13.34 14.08
N ILE A 244 -10.17 13.07 14.78
CA ILE A 244 -9.61 14.05 15.68
C ILE A 244 -8.10 14.16 15.48
N SER A 245 -7.52 15.20 16.07
CA SER A 245 -6.08 15.42 16.08
C SER A 245 -5.74 15.88 17.49
N GLY A 246 -4.45 15.93 17.80
CA GLY A 246 -3.95 16.39 19.10
C GLY A 246 -3.76 15.25 20.09
N GLU A 247 -3.74 15.58 21.38
CA GLU A 247 -3.37 14.62 22.45
C GLU A 247 -4.33 13.44 22.61
N GLY A 248 -5.59 13.66 22.26
CA GLY A 248 -6.63 12.61 22.34
C GLY A 248 -6.37 11.41 21.41
N THR A 249 -5.36 11.54 20.54
CA THR A 249 -4.94 10.47 19.62
C THR A 249 -3.92 9.48 20.20
N ASN A 250 -3.49 9.71 21.44
CA ASN A 250 -2.51 8.85 22.13
C ASN A 250 -3.14 7.45 22.45
N PRO A 251 -2.60 6.36 21.82
CA PRO A 251 -3.20 5.02 21.97
C PRO A 251 -3.04 4.40 23.38
N GLN A 252 -1.96 4.73 24.08
CA GLN A 252 -1.71 4.21 25.42
C GLN A 252 -2.78 4.74 26.35
N LYS A 253 -3.02 6.04 26.23
CA LYS A 253 -4.00 6.74 27.06
C LYS A 253 -5.42 6.30 26.74
N GLN A 254 -5.75 6.19 25.45
CA GLN A 254 -7.05 5.64 25.05
C GLN A 254 -7.31 4.26 25.67
N ALA A 255 -6.38 3.32 25.45
CA ALA A 255 -6.45 1.99 26.03
C ALA A 255 -6.56 1.99 27.59
N GLU A 256 -5.80 2.86 28.26
CA GLU A 256 -5.91 2.99 29.75
C GLU A 256 -7.32 3.47 30.11
N LEU A 257 -7.84 4.43 29.35
CA LEU A 257 -9.16 4.98 29.65
C LEU A 257 -10.24 3.91 29.41
N LEU A 258 -10.17 3.23 28.28
CA LEU A 258 -11.14 2.14 28.03
C LEU A 258 -11.08 1.02 29.06
N ASN A 259 -9.86 0.62 29.47
CA ASN A 259 -9.70 -0.39 30.48
C ASN A 259 -10.22 0.05 31.84
N TYR A 260 -9.98 1.32 32.19
CA TYR A 260 -10.55 1.87 33.40
C TYR A 260 -12.07 1.82 33.35
N ILE A 261 -12.67 2.29 32.26
CA ILE A 261 -14.12 2.22 32.08
C ILE A 261 -14.59 0.75 32.23
N ASP A 262 -13.88 -0.17 31.58
CA ASP A 262 -14.18 -1.62 31.68
C ASP A 262 -14.13 -2.07 33.17
N GLU A 263 -13.04 -1.75 33.85
CA GLU A 263 -12.78 -2.34 35.18
C GLU A 263 -13.54 -1.63 36.29
N LYS A 264 -13.65 -0.32 36.19
CA LYS A 264 -14.38 0.44 37.19
C LYS A 264 -15.88 0.69 36.87
N PHE A 265 -16.35 0.32 35.66
CA PHE A 265 -17.75 0.61 35.30
C PHE A 265 -18.43 -0.59 34.65
N ALA A 266 -17.97 -1.00 33.47
CA ALA A 266 -18.64 -2.12 32.82
C ALA A 266 -18.60 -3.43 33.64
N GLN A 267 -17.50 -3.73 34.36
CA GLN A 267 -17.38 -5.03 35.02
C GLN A 267 -17.84 -4.85 36.47
N VAL A 268 -18.39 -3.68 36.79
CA VAL A 268 -18.82 -3.38 38.16
C VAL A 268 -20.36 -3.26 38.27
N LYS A 269 -21.03 -2.81 37.21
CA LYS A 269 -22.49 -2.76 37.15
C LYS A 269 -22.98 -4.19 37.02
N PRO A 270 -24.25 -4.42 37.37
CA PRO A 270 -24.80 -5.77 37.33
C PRO A 270 -25.11 -6.28 35.91
N ASP A 271 -25.19 -5.40 34.92
CA ASP A 271 -25.96 -5.76 33.70
C ASP A 271 -25.51 -4.99 32.45
N ILE A 272 -24.23 -4.65 32.37
CA ILE A 272 -23.76 -3.98 31.18
C ILE A 272 -23.42 -5.04 30.11
N ASN A 273 -23.70 -4.69 28.87
CA ASN A 273 -23.53 -5.57 27.75
C ASN A 273 -22.33 -5.26 26.86
N GLN A 274 -22.46 -4.33 25.91
CA GLN A 274 -21.39 -4.07 24.97
C GLN A 274 -20.52 -2.90 25.44
N LEU A 275 -19.21 -3.04 25.27
CA LEU A 275 -18.30 -1.92 25.42
C LEU A 275 -17.40 -1.86 24.15
N VAL A 276 -17.49 -0.76 23.41
CA VAL A 276 -16.97 -0.68 22.04
C VAL A 276 -16.14 0.58 21.94
N MET A 277 -15.00 0.52 21.26
CA MET A 277 -14.33 1.76 20.89
C MET A 277 -14.10 1.90 19.36
N CYS A 278 -14.09 3.14 18.88
CA CYS A 278 -13.69 3.37 17.52
C CYS A 278 -12.31 4.03 17.58
N PRO A 279 -11.35 3.45 16.90
CA PRO A 279 -9.96 3.93 16.97
C PRO A 279 -9.70 5.18 16.12
N THR A 280 -8.62 5.91 16.43
CA THR A 280 -8.25 7.07 15.63
C THR A 280 -7.81 6.59 14.23
N GLU A 281 -7.13 5.45 14.21
CA GLU A 281 -6.68 4.84 12.95
C GLU A 281 -7.80 3.82 12.70
N TYR A 282 -8.79 4.21 11.90
CA TYR A 282 -10.00 3.35 11.82
C TYR A 282 -10.24 2.73 10.44
N ASN A 283 -9.28 2.91 9.53
CA ASN A 283 -9.30 2.22 8.25
C ASN A 283 -7.82 2.22 7.84
N LYS A 284 -7.45 1.32 6.93
CA LYS A 284 -6.01 1.15 6.54
C LYS A 284 -5.31 2.40 6.00
N SER A 285 -5.96 3.13 5.08
CA SER A 285 -5.37 4.32 4.46
C SER A 285 -5.05 5.43 5.49
N TRP A 286 -5.80 5.42 6.60
CA TRP A 286 -5.64 6.38 7.69
C TRP A 286 -4.79 5.78 8.83
N SER A 287 -4.27 4.58 8.61
CA SER A 287 -3.34 3.90 9.52
CA SER A 287 -3.35 3.97 9.56
C SER A 287 -1.91 4.24 9.15
N ASN A 288 -1.02 4.04 10.11
CA ASN A 288 0.38 4.08 9.88
C ASN A 288 0.94 2.67 10.09
N PRO A 289 1.11 1.91 9.01
CA PRO A 289 1.58 0.52 9.13
C PRO A 289 2.88 0.43 9.94
N ASN A 290 3.66 1.51 9.91
CA ASN A 290 4.99 1.58 10.53
C ASN A 290 4.99 2.24 11.93
N GLY A 291 3.80 2.63 12.37
CA GLY A 291 3.64 3.36 13.63
C GLY A 291 3.05 2.42 14.67
N ASN A 292 2.97 2.86 15.92
CA ASN A 292 2.69 1.83 16.92
C ASN A 292 1.26 1.83 17.35
N TYR A 293 0.47 2.64 16.69
CA TYR A 293 -0.89 2.88 17.17
C TYR A 293 -1.80 1.61 17.26
N LEU A 294 -1.89 0.84 16.17
CA LEU A 294 -2.91 -0.23 16.22
C LEU A 294 -2.43 -1.43 17.04
N THR A 295 -1.11 -1.71 17.01
CA THR A 295 -0.55 -2.79 17.78
C THR A 295 -0.61 -2.48 19.28
N THR A 296 -0.43 -1.22 19.63
CA THR A 296 -0.63 -0.81 21.01
C THR A 296 -2.08 -1.07 21.46
N LEU A 297 -3.08 -0.65 20.70
CA LEU A 297 -4.48 -1.00 21.11
C LEU A 297 -4.70 -2.49 21.23
N GLY A 298 -4.22 -3.22 20.23
CA GLY A 298 -4.38 -4.66 20.18
C GLY A 298 -3.83 -5.38 21.39
N ASP A 299 -2.67 -4.93 21.84
CA ASP A 299 -2.01 -5.51 23.00
C ASP A 299 -2.58 -5.06 24.35
N LYS A 300 -2.94 -3.78 24.47
CA LYS A 300 -3.26 -3.18 25.76
C LYS A 300 -4.76 -3.22 26.07
N LEU A 301 -5.62 -3.01 25.07
CA LEU A 301 -7.09 -3.02 25.31
C LEU A 301 -7.51 -4.36 25.82
N ASN A 302 -8.33 -4.34 26.88
CA ASN A 302 -8.90 -5.52 27.53
C ASN A 302 -9.67 -6.33 26.52
N PRO A 303 -9.60 -7.66 26.61
CA PRO A 303 -10.10 -8.50 25.49
C PRO A 303 -11.62 -8.45 25.24
N SER A 304 -12.43 -8.01 26.20
CA SER A 304 -13.87 -7.95 25.93
C SER A 304 -14.30 -6.70 25.16
N ILE A 305 -13.36 -5.77 25.02
CA ILE A 305 -13.65 -4.47 24.43
C ILE A 305 -13.57 -4.61 22.90
N GLN A 306 -14.60 -4.12 22.22
CA GLN A 306 -14.66 -4.23 20.75
C GLN A 306 -13.91 -3.05 20.09
N ILE A 307 -13.27 -3.30 18.94
CA ILE A 307 -12.60 -2.26 18.18
C ILE A 307 -13.16 -2.15 16.75
N MET A 308 -13.61 -0.94 16.40
CA MET A 308 -14.32 -0.70 15.14
C MET A 308 -13.36 -0.47 13.98
N TRP A 309 -13.83 -0.66 12.76
CA TRP A 309 -12.97 -0.58 11.58
C TRP A 309 -13.84 -0.36 10.38
N THR A 310 -13.49 0.62 9.54
CA THR A 310 -14.32 0.87 8.33
C THR A 310 -13.76 0.25 7.04
N GLY A 311 -12.58 -0.39 7.13
CA GLY A 311 -12.07 -1.16 5.97
C GLY A 311 -10.75 -0.58 5.51
N ASP A 312 -10.47 -0.68 4.20
CA ASP A 312 -9.17 -0.22 3.68
C ASP A 312 -9.10 1.29 3.54
N ARG A 313 -10.29 1.91 3.53
CA ARG A 313 -10.47 3.33 3.33
C ARG A 313 -11.66 3.80 4.20
N VAL A 314 -11.82 5.10 4.35
CA VAL A 314 -12.96 5.65 5.14
C VAL A 314 -14.23 5.04 4.60
N ILE A 315 -14.39 5.09 3.27
CA ILE A 315 -15.52 4.46 2.59
C ILE A 315 -14.97 3.31 1.81
N SER A 316 -15.36 2.10 2.25
CA SER A 316 -14.94 0.93 1.54
C SER A 316 -15.72 -0.30 1.87
N ASP A 317 -15.63 -1.28 0.99
CA ASP A 317 -16.29 -2.57 1.18
C ASP A 317 -15.31 -3.50 1.92
N ILE A 318 -15.81 -4.54 2.58
CA ILE A 318 -14.95 -5.30 3.50
C ILE A 318 -14.46 -6.56 2.78
N THR A 319 -13.14 -6.69 2.69
CA THR A 319 -12.54 -7.85 2.00
C THR A 319 -11.87 -8.79 2.99
N ARG A 320 -11.62 -10.04 2.56
CA ARG A 320 -10.93 -11.03 3.38
C ARG A 320 -9.53 -10.53 3.72
N ASP A 321 -8.79 -10.10 2.70
CA ASP A 321 -7.46 -9.53 2.91
C ASP A 321 -7.48 -8.31 3.81
N GLY A 322 -8.47 -7.44 3.63
CA GLY A 322 -8.61 -6.21 4.41
C GLY A 322 -8.83 -6.49 5.89
N ILE A 323 -9.72 -7.43 6.19
CA ILE A 323 -10.01 -7.74 7.57
C ILE A 323 -8.89 -8.55 8.25
N SER A 324 -8.21 -9.43 7.48
CA SER A 324 -7.01 -10.10 7.96
C SER A 324 -6.02 -9.07 8.46
N TRP A 325 -5.81 -8.02 7.66
CA TRP A 325 -4.82 -6.98 7.98
C TRP A 325 -5.08 -6.37 9.36
N ILE A 326 -6.32 -5.96 9.60
CA ILE A 326 -6.65 -5.36 10.88
C ILE A 326 -6.67 -6.36 12.05
N ASN A 327 -7.26 -7.54 11.85
CA ASN A 327 -7.37 -8.54 12.92
C ASN A 327 -6.01 -8.98 13.46
N GLU A 328 -5.02 -9.02 12.57
CA GLU A 328 -3.68 -9.42 12.99
C GLU A 328 -3.10 -8.40 13.94
N ARG A 329 -3.54 -7.15 13.83
CA ARG A 329 -2.92 -6.06 14.61
C ARG A 329 -3.68 -5.81 15.93
N ILE A 330 -5.00 -5.93 15.89
CA ILE A 330 -5.86 -5.69 17.05
C ILE A 330 -6.09 -6.94 17.92
N LYS A 331 -5.61 -8.08 17.42
CA LYS A 331 -5.63 -9.37 18.13
C LYS A 331 -7.04 -9.86 18.52
N ARG A 332 -8.02 -9.49 17.72
CA ARG A 332 -9.47 -9.85 17.92
C ARG A 332 -10.18 -9.57 16.58
N PRO A 333 -11.38 -10.17 16.35
CA PRO A 333 -12.13 -9.88 15.13
C PRO A 333 -12.71 -8.44 15.17
N ALA A 334 -12.40 -7.66 14.14
CA ALA A 334 -12.86 -6.27 14.02
C ALA A 334 -14.41 -6.21 14.06
N TYR A 335 -14.91 -5.13 14.61
CA TYR A 335 -16.35 -4.83 14.68
C TYR A 335 -16.52 -3.83 13.53
N ILE A 336 -17.12 -4.26 12.44
CA ILE A 336 -17.12 -3.41 11.22
C ILE A 336 -18.07 -2.21 11.34
N TRP A 337 -17.56 -1.02 11.03
CA TRP A 337 -18.36 0.19 10.88
C TRP A 337 -18.45 0.44 9.39
N TRP A 338 -19.56 0.06 8.76
CA TRP A 338 -19.63 0.16 7.27
C TRP A 338 -20.19 1.52 6.81
N ASN A 339 -19.36 2.33 6.15
CA ASN A 339 -19.80 3.68 5.73
C ASN A 339 -20.62 3.70 4.45
N PHE A 340 -21.77 3.02 4.50
CA PHE A 340 -22.74 3.11 3.42
C PHE A 340 -24.07 2.76 4.08
N PRO A 341 -25.15 3.49 3.77
CA PRO A 341 -25.32 4.51 2.70
C PRO A 341 -25.03 5.99 3.10
N VAL A 342 -24.33 6.20 4.23
CA VAL A 342 -24.05 7.56 4.68
C VAL A 342 -23.69 8.46 3.49
N SER A 343 -24.28 9.66 3.43
CA SER A 343 -24.13 10.50 2.28
C SER A 343 -23.62 11.88 2.75
N ASP A 344 -23.03 11.93 3.95
CA ASP A 344 -22.70 13.24 4.56
C ASP A 344 -21.60 13.95 3.88
N TYR A 345 -20.97 13.30 2.89
CA TYR A 345 -19.90 13.93 2.11
C TYR A 345 -20.28 14.11 0.62
N VAL A 346 -21.46 13.64 0.23
CA VAL A 346 -22.10 13.85 -1.09
C VAL A 346 -23.60 14.18 -0.77
N ARG A 347 -23.82 15.28 -0.06
CA ARG A 347 -25.17 15.53 0.52
C ARG A 347 -26.25 15.88 -0.49
N ASP A 348 -25.83 16.23 -1.70
CA ASP A 348 -26.76 16.45 -2.84
C ASP A 348 -27.29 15.17 -3.50
N HIS A 349 -26.80 14.02 -3.05
CA HIS A 349 -27.20 12.69 -3.55
C HIS A 349 -27.98 11.85 -2.56
N LEU A 350 -28.93 11.09 -3.10
CA LEU A 350 -29.54 10.01 -2.30
C LEU A 350 -28.90 8.68 -2.75
N LEU A 351 -28.53 7.79 -1.79
CA LEU A 351 -27.91 6.48 -2.11
C LEU A 351 -28.89 5.35 -1.78
N LEU A 352 -29.67 4.96 -2.79
CA LEU A 352 -30.85 4.11 -2.60
C LEU A 352 -30.66 2.78 -3.27
N GLY A 353 -29.46 2.54 -3.78
CA GLY A 353 -29.24 1.25 -4.46
C GLY A 353 -29.00 0.07 -3.50
N PRO A 354 -28.79 -1.13 -4.06
CA PRO A 354 -28.52 -2.33 -3.28
C PRO A 354 -27.21 -2.26 -2.48
N VAL A 355 -27.20 -3.02 -1.40
CA VAL A 355 -26.00 -3.31 -0.63
C VAL A 355 -25.18 -4.44 -1.28
N TYR A 356 -23.92 -4.16 -1.65
CA TYR A 356 -23.04 -5.18 -2.24
C TYR A 356 -21.56 -4.80 -2.08
N GLY A 357 -20.68 -5.73 -2.43
CA GLY A 357 -19.24 -5.49 -2.37
C GLY A 357 -18.51 -6.11 -1.18
N ASN A 358 -19.28 -6.49 -0.14
CA ASN A 358 -18.72 -7.12 1.04
C ASN A 358 -18.55 -8.60 0.90
N ASP A 359 -17.36 -9.09 1.29
CA ASP A 359 -17.06 -10.50 1.14
C ASP A 359 -18.11 -11.27 1.96
N THR A 360 -18.67 -12.32 1.39
CA THR A 360 -19.74 -13.04 2.05
C THR A 360 -19.24 -14.33 2.81
N THR A 361 -17.92 -14.56 2.87
CA THR A 361 -17.35 -15.79 3.45
C THR A 361 -16.57 -15.51 4.75
N ILE A 362 -16.61 -14.27 5.24
CA ILE A 362 -15.69 -13.83 6.31
C ILE A 362 -16.41 -13.52 7.64
N ALA A 363 -17.60 -14.10 7.84
CA ALA A 363 -18.36 -13.91 9.08
C ALA A 363 -17.52 -14.20 10.38
N LYS A 364 -16.76 -15.29 10.37
CA LYS A 364 -15.91 -15.65 11.51
C LYS A 364 -14.86 -14.58 11.81
N GLU A 365 -14.58 -13.71 10.86
CA GLU A 365 -13.52 -12.72 11.02
C GLU A 365 -14.03 -11.40 11.55
N MET A 366 -15.33 -11.29 11.81
CA MET A 366 -15.87 -10.03 12.39
C MET A 366 -16.69 -10.23 13.65
N SER A 367 -16.53 -9.32 14.59
CA SER A 367 -17.30 -9.34 15.86
C SER A 367 -18.70 -8.77 15.68
N GLY A 368 -18.79 -7.83 14.75
CA GLY A 368 -19.98 -7.06 14.48
C GLY A 368 -19.92 -6.43 13.10
N PHE A 369 -21.08 -6.00 12.64
CA PHE A 369 -21.20 -5.27 11.37
C PHE A 369 -22.32 -4.26 11.56
N VAL A 370 -21.97 -3.00 11.51
CA VAL A 370 -22.99 -1.96 11.53
C VAL A 370 -22.88 -1.00 10.36
N THR A 371 -24.03 -0.52 9.91
CA THR A 371 -24.08 0.44 8.82
C THR A 371 -24.26 1.87 9.34
N ASN A 372 -23.43 2.77 8.81
CA ASN A 372 -23.60 4.20 9.02
C ASN A 372 -24.48 4.77 7.89
N PRO A 373 -25.70 5.17 8.24
CA PRO A 373 -26.73 5.52 7.24
C PRO A 373 -26.78 7.02 6.84
N MET A 374 -27.79 7.38 6.02
CA MET A 374 -27.93 8.76 5.62
C MET A 374 -28.66 9.50 6.76
N GLU A 375 -28.48 10.81 6.81
CA GLU A 375 -29.28 11.69 7.66
C GLU A 375 -30.78 11.57 7.32
N HIS A 376 -31.09 10.99 6.14
CA HIS A 376 -32.46 10.56 5.72
C HIS A 376 -32.80 9.19 6.26
N ALA A 377 -33.57 9.16 7.34
CA ALA A 377 -33.74 7.96 8.14
C ALA A 377 -34.57 6.91 7.42
N GLU A 378 -35.75 7.28 6.93
CA GLU A 378 -36.59 6.34 6.18
C GLU A 378 -35.94 5.82 4.92
N SER A 379 -35.34 6.71 4.13
CA SER A 379 -34.64 6.33 2.90
C SER A 379 -33.51 5.29 3.12
N SER A 380 -32.87 5.36 4.29
CA SER A 380 -31.79 4.46 4.67
C SER A 380 -32.29 3.05 4.95
N LYS A 381 -33.59 2.88 5.14
CA LYS A 381 -34.11 1.55 5.42
C LYS A 381 -33.86 0.51 4.31
N ILE A 382 -33.75 0.94 3.05
CA ILE A 382 -33.36 0.02 2.00
C ILE A 382 -31.99 -0.64 2.30
N ALA A 383 -30.97 0.16 2.59
CA ALA A 383 -29.64 -0.38 2.89
C ALA A 383 -29.67 -1.13 4.24
N ILE A 384 -30.39 -0.57 5.21
CA ILE A 384 -30.42 -1.15 6.55
C ILE A 384 -31.05 -2.56 6.55
N TYR A 385 -32.20 -2.72 5.89
CA TYR A 385 -32.80 -4.02 5.67
C TYR A 385 -31.83 -5.03 5.03
N SER A 386 -31.06 -4.56 4.05
CA SER A 386 -30.15 -5.43 3.32
C SER A 386 -28.95 -5.84 4.15
N VAL A 387 -28.41 -4.88 4.91
CA VAL A 387 -27.34 -5.14 5.82
C VAL A 387 -27.80 -6.13 6.89
N ALA A 388 -29.04 -6.00 7.36
CA ALA A 388 -29.53 -6.94 8.37
C ALA A 388 -29.54 -8.39 7.77
N SER A 389 -29.89 -8.48 6.49
CA SER A 389 -29.95 -9.77 5.80
C SER A 389 -28.54 -10.31 5.59
N TYR A 390 -27.63 -9.44 5.19
CA TYR A 390 -26.23 -9.83 4.97
C TYR A 390 -25.58 -10.29 6.28
N ALA A 391 -25.71 -9.50 7.35
CA ALA A 391 -24.97 -9.86 8.59
C ALA A 391 -25.51 -11.10 9.29
N TRP A 392 -26.81 -11.35 9.13
CA TRP A 392 -27.43 -12.53 9.73
C TRP A 392 -27.05 -13.81 8.94
N ASN A 393 -27.22 -13.77 7.59
CA ASN A 393 -26.88 -14.96 6.75
C ASN A 393 -26.03 -14.54 5.54
N PRO A 394 -24.77 -14.20 5.75
CA PRO A 394 -23.95 -13.76 4.60
C PRO A 394 -23.74 -14.82 3.52
N ALA A 395 -23.64 -16.11 3.89
CA ALA A 395 -23.54 -17.21 2.90
C ALA A 395 -24.68 -17.25 1.86
N LYS A 396 -25.91 -16.91 2.28
CA LYS A 396 -27.05 -16.86 1.37
C LYS A 396 -27.35 -15.43 0.88
N TYR A 397 -26.45 -14.48 1.09
CA TYR A 397 -26.82 -13.10 0.81
C TYR A 397 -27.00 -12.83 -0.71
N ASP A 398 -28.16 -12.28 -1.06
CA ASP A 398 -28.59 -12.05 -2.45
C ASP A 398 -28.85 -10.55 -2.61
N THR A 399 -27.90 -9.86 -3.25
CA THR A 399 -27.89 -8.41 -3.37
C THR A 399 -29.22 -7.86 -3.91
N TRP A 400 -29.60 -8.29 -5.09
CA TRP A 400 -30.75 -7.75 -5.79
C TRP A 400 -32.09 -8.15 -5.15
N GLN A 401 -32.27 -9.43 -4.85
CA GLN A 401 -33.53 -9.90 -4.25
C GLN A 401 -33.81 -9.14 -2.93
N THR A 402 -32.78 -8.93 -2.12
CA THR A 402 -32.95 -8.29 -0.83
C THR A 402 -33.32 -6.79 -0.99
N TRP A 403 -32.68 -6.14 -1.95
CA TRP A 403 -33.02 -4.76 -2.34
C TRP A 403 -34.50 -4.66 -2.70
N LYS A 404 -34.96 -5.54 -3.59
CA LYS A 404 -36.38 -5.62 -3.99
C LYS A 404 -37.31 -5.89 -2.79
N ASP A 405 -36.92 -6.85 -1.95
CA ASP A 405 -37.65 -7.18 -0.70
C ASP A 405 -37.76 -5.96 0.29
N ALA A 406 -36.65 -5.26 0.46
CA ALA A 406 -36.62 -4.06 1.31
C ALA A 406 -37.65 -3.01 0.84
N ILE A 407 -37.61 -2.71 -0.45
CA ILE A 407 -38.53 -1.74 -1.05
C ILE A 407 -39.99 -2.12 -0.91
N ARG A 408 -40.29 -3.39 -1.20
CA ARG A 408 -41.61 -3.89 -1.04
C ARG A 408 -42.04 -3.86 0.43
N THR A 409 -41.08 -3.96 1.34
CA THR A 409 -41.38 -3.84 2.76
C THR A 409 -41.69 -2.41 3.19
N ILE A 410 -40.84 -1.49 2.79
CA ILE A 410 -40.94 -0.09 3.10
C ILE A 410 -42.13 0.59 2.40
N LEU A 411 -42.44 0.21 1.16
CA LEU A 411 -43.46 0.93 0.46
C LEU A 411 -44.29 0.01 -0.43
N PRO A 412 -45.05 -0.92 0.20
CA PRO A 412 -45.78 -1.92 -0.54
C PRO A 412 -46.76 -1.33 -1.55
N SER A 413 -47.41 -0.21 -1.20
CA SER A 413 -48.46 0.39 -2.07
C SER A 413 -47.88 0.99 -3.33
N ALA A 414 -46.56 1.20 -3.38
CA ALA A 414 -45.92 1.74 -4.58
C ALA A 414 -44.49 1.20 -4.79
N ALA A 415 -44.32 -0.12 -4.64
CA ALA A 415 -43.03 -0.79 -4.65
C ALA A 415 -42.27 -0.57 -5.96
N GLU A 416 -42.96 -0.76 -7.07
CA GLU A 416 -42.36 -0.67 -8.41
C GLU A 416 -41.92 0.76 -8.71
N GLU A 417 -42.73 1.73 -8.27
CA GLU A 417 -42.39 3.16 -8.43
C GLU A 417 -41.15 3.49 -7.65
N LEU A 418 -41.10 3.01 -6.40
CA LEU A 418 -39.90 3.21 -5.58
C LEU A 418 -38.67 2.48 -6.17
N GLU A 419 -38.85 1.24 -6.64
CA GLU A 419 -37.77 0.60 -7.41
C GLU A 419 -37.21 1.45 -8.53
N CYS A 420 -38.12 2.01 -9.32
CA CYS A 420 -37.73 2.85 -10.47
C CYS A 420 -36.89 4.02 -9.98
N PHE A 421 -37.36 4.71 -8.95
CA PHE A 421 -36.67 5.90 -8.42
C PHE A 421 -35.32 5.48 -7.87
N ALA A 422 -35.29 4.41 -7.06
CA ALA A 422 -34.03 3.98 -6.39
C ALA A 422 -32.94 3.47 -7.40
N MET A 423 -33.39 2.80 -8.45
CA MET A 423 -32.59 2.23 -9.53
C MET A 423 -31.69 3.35 -10.16
N HIS A 424 -32.22 4.56 -10.19
CA HIS A 424 -31.56 5.69 -10.85
C HIS A 424 -31.05 6.70 -9.83
N ASN A 425 -30.99 6.30 -8.55
CA ASN A 425 -30.52 7.19 -7.48
C ASN A 425 -29.63 6.41 -6.55
N SER A 426 -28.49 5.93 -7.07
CA SER A 426 -27.64 5.02 -6.31
C SER A 426 -26.15 5.36 -6.31
N ASP A 427 -25.66 6.05 -7.34
CA ASP A 427 -24.25 6.48 -7.38
C ASP A 427 -24.00 7.77 -6.58
N LEU A 428 -22.75 8.05 -6.22
CA LEU A 428 -22.42 9.14 -5.35
C LEU A 428 -21.90 10.35 -6.15
N GLY A 429 -21.56 10.09 -7.42
CA GLY A 429 -20.85 11.01 -8.27
C GLY A 429 -19.41 11.09 -7.80
N PRO A 430 -18.57 11.79 -8.55
CA PRO A 430 -17.18 11.95 -8.12
C PRO A 430 -17.11 12.54 -6.72
N ASN A 431 -16.14 12.06 -5.94
CA ASN A 431 -15.98 12.50 -4.55
C ASN A 431 -14.57 12.24 -4.08
N GLY A 432 -14.15 12.95 -3.03
CA GLY A 432 -12.79 12.82 -2.48
C GLY A 432 -12.50 11.49 -1.80
N HIS A 433 -13.54 10.73 -1.49
CA HIS A 433 -13.32 9.37 -1.00
C HIS A 433 -13.14 8.28 -2.08
N GLY A 434 -13.31 8.62 -3.37
CA GLY A 434 -13.21 7.67 -4.49
C GLY A 434 -14.23 6.53 -4.49
N TYR A 435 -15.30 6.62 -3.70
CA TYR A 435 -16.29 5.52 -3.64
C TYR A 435 -17.45 5.77 -4.62
N ARG A 436 -17.77 4.77 -5.43
CA ARG A 436 -18.81 4.85 -6.45
C ARG A 436 -19.69 3.59 -6.37
N ARG A 437 -20.92 3.70 -6.88
CA ARG A 437 -21.86 2.59 -6.99
C ARG A 437 -22.39 2.59 -8.40
N GLU A 438 -22.80 1.41 -8.88
CA GLU A 438 -23.48 1.31 -10.16
C GLU A 438 -24.85 1.96 -10.08
N GLU A 439 -25.38 2.37 -11.25
CA GLU A 439 -26.69 3.01 -11.34
C GLU A 439 -27.19 2.84 -12.76
N SER A 440 -28.51 2.68 -12.88
CA SER A 440 -29.23 2.64 -14.17
C SER A 440 -28.62 1.55 -15.10
N MET A 441 -28.18 0.43 -14.51
CA MET A 441 -27.41 -0.59 -15.26
C MET A 441 -28.24 -1.28 -16.34
N ASP A 442 -29.55 -1.35 -16.09
CA ASP A 442 -30.50 -1.89 -17.05
C ASP A 442 -30.41 -1.21 -18.44
N ILE A 443 -30.40 0.13 -18.44
CA ILE A 443 -30.54 0.87 -19.67
C ILE A 443 -29.19 1.33 -20.23
N GLN A 444 -28.11 1.13 -19.46
CA GLN A 444 -26.73 1.60 -19.79
C GLN A 444 -26.25 1.19 -21.18
N PRO A 445 -26.45 -0.09 -21.56
CA PRO A 445 -26.06 -0.51 -22.92
C PRO A 445 -26.82 0.15 -24.08
N ALA A 446 -28.16 0.20 -23.99
CA ALA A 446 -29.00 0.94 -24.95
C ALA A 446 -28.62 2.42 -25.00
N ALA A 447 -28.25 2.98 -23.86
CA ALA A 447 -27.75 4.36 -23.81
C ALA A 447 -26.44 4.50 -24.59
N GLU A 448 -25.40 3.74 -24.22
CA GLU A 448 -24.06 3.93 -24.81
C GLU A 448 -24.03 3.68 -26.31
N ARG A 449 -24.94 2.81 -26.75
CA ARG A 449 -25.07 2.46 -28.15
C ARG A 449 -25.74 3.57 -28.89
N PHE A 450 -26.84 4.05 -28.31
CA PHE A 450 -27.62 5.09 -28.94
C PHE A 450 -26.70 6.28 -29.13
N LEU A 451 -25.94 6.60 -28.10
CA LEU A 451 -25.04 7.77 -28.14
C LEU A 451 -23.84 7.61 -29.09
N LYS A 452 -23.10 6.51 -28.99
CA LYS A 452 -22.00 6.25 -29.92
C LYS A 452 -22.41 6.38 -31.40
N ALA A 453 -23.48 5.70 -31.80
CA ALA A 453 -24.05 5.79 -33.15
C ALA A 453 -24.43 7.22 -33.52
N PHE A 454 -25.16 7.86 -32.62
CA PHE A 454 -25.68 9.19 -32.85
C PHE A 454 -24.53 10.14 -33.15
N LYS A 455 -23.54 10.16 -32.26
CA LYS A 455 -22.36 11.04 -32.41
C LYS A 455 -21.63 10.88 -33.75
N GLU A 456 -21.50 9.64 -34.23
CA GLU A 456 -20.72 9.31 -35.43
C GLU A 456 -21.42 9.60 -36.76
N GLY A 457 -22.74 9.73 -36.71
CA GLY A 457 -23.55 9.93 -37.92
C GLY A 457 -24.10 8.62 -38.44
N LYS A 458 -23.88 7.56 -37.66
CA LYS A 458 -24.46 6.24 -37.90
C LYS A 458 -25.89 6.18 -37.36
N ASN A 459 -26.76 5.43 -38.04
CA ASN A 459 -28.15 5.28 -37.59
C ASN A 459 -28.28 4.40 -36.34
N TYR A 460 -29.04 4.87 -35.35
CA TYR A 460 -29.27 4.14 -34.09
C TYR A 460 -30.41 3.10 -34.17
N ASP A 461 -30.42 2.10 -33.27
CA ASP A 461 -31.51 1.10 -33.29
C ASP A 461 -32.78 1.73 -32.76
N LYS A 462 -33.88 1.52 -33.48
CA LYS A 462 -35.16 2.04 -32.99
C LYS A 462 -35.52 1.47 -31.60
N ALA A 463 -35.21 0.18 -31.38
CA ALA A 463 -35.48 -0.46 -30.09
C ALA A 463 -34.77 0.25 -28.95
N ASP A 464 -33.56 0.75 -29.22
CA ASP A 464 -32.78 1.53 -28.26
C ASP A 464 -33.41 2.88 -27.93
N PHE A 465 -33.93 3.56 -28.97
CA PHE A 465 -34.69 4.82 -28.85
C PHE A 465 -35.99 4.60 -28.04
N GLU A 466 -36.65 3.46 -28.27
CA GLU A 466 -37.87 3.08 -27.51
C GLU A 466 -37.63 2.77 -26.04
N THR A 467 -36.56 2.04 -25.74
CA THR A 467 -36.15 1.77 -24.37
C THR A 467 -35.94 3.07 -23.58
N LEU A 468 -35.25 4.04 -24.19
CA LEU A 468 -35.03 5.35 -23.52
C LEU A 468 -36.37 6.06 -23.30
N GLN A 469 -37.16 6.12 -24.35
CA GLN A 469 -38.51 6.63 -24.27
C GLN A 469 -39.29 5.95 -23.15
N TYR A 470 -39.28 4.62 -23.11
CA TYR A 470 -40.05 3.88 -22.11
C TYR A 470 -39.57 4.21 -20.71
N THR A 471 -38.26 4.41 -20.57
CA THR A 471 -37.62 4.76 -19.30
C THR A 471 -38.08 6.15 -18.82
N PHE A 472 -38.22 7.12 -19.73
CA PHE A 472 -38.57 8.46 -19.27
C PHE A 472 -40.03 8.44 -18.83
N GLU A 473 -40.86 7.74 -19.60
CA GLU A 473 -42.26 7.59 -19.23
C GLU A 473 -42.42 6.99 -17.85
N ARG A 474 -41.68 5.90 -17.57
CA ARG A 474 -41.83 5.24 -16.29
C ARG A 474 -41.36 6.12 -15.13
N MET A 475 -40.30 6.91 -15.38
CA MET A 475 -39.78 7.80 -14.36
C MET A 475 -40.88 8.83 -13.96
N LYS A 476 -41.63 9.39 -14.94
CA LYS A 476 -42.65 10.41 -14.62
C LYS A 476 -43.81 9.77 -13.85
N GLU A 477 -44.23 8.57 -14.23
CA GLU A 477 -45.27 7.88 -13.50
C GLU A 477 -44.80 7.67 -12.06
N SER A 478 -43.58 7.18 -11.90
CA SER A 478 -43.01 6.87 -10.57
C SER A 478 -42.93 8.13 -9.70
N ALA A 479 -42.40 9.22 -10.27
CA ALA A 479 -42.24 10.48 -9.50
C ALA A 479 -43.60 11.01 -9.03
N ASP A 480 -44.58 11.07 -9.91
CA ASP A 480 -45.88 11.62 -9.53
C ASP A 480 -46.64 10.75 -8.53
N ILE A 481 -46.50 9.42 -8.66
CA ILE A 481 -47.09 8.52 -7.70
C ILE A 481 -46.40 8.61 -6.34
N LEU A 482 -45.06 8.66 -6.32
CA LEU A 482 -44.36 8.78 -5.06
C LEU A 482 -44.73 10.09 -4.34
N LEU A 483 -44.79 11.20 -5.10
CA LEU A 483 -45.12 12.47 -4.51
C LEU A 483 -46.41 12.40 -3.71
N MET A 484 -47.41 11.70 -4.22
CA MET A 484 -48.74 11.68 -3.59
C MET A 484 -48.99 10.53 -2.59
N ASN A 485 -47.95 9.74 -2.33
CA ASN A 485 -48.12 8.52 -1.54
C ASN A 485 -48.23 8.90 -0.08
N THR A 486 -49.21 8.32 0.62
CA THR A 486 -49.42 8.64 2.02
C THR A 486 -49.18 7.45 2.94
N GLU A 487 -48.56 6.39 2.42
CA GLU A 487 -48.33 5.18 3.23
C GLU A 487 -47.18 5.37 4.18
N ASN A 488 -46.12 6.00 3.67
CA ASN A 488 -44.94 6.37 4.46
C ASN A 488 -44.67 7.84 4.17
N LYS A 489 -45.40 8.73 4.84
CA LYS A 489 -45.18 10.16 4.63
C LYS A 489 -43.76 10.61 4.96
N PRO A 490 -43.16 10.11 6.06
CA PRO A 490 -41.79 10.62 6.33
C PRO A 490 -40.82 10.28 5.21
N LEU A 491 -40.98 9.13 4.60
CA LEU A 491 -40.14 8.78 3.47
C LEU A 491 -40.36 9.81 2.33
N ILE A 492 -41.62 10.10 2.04
CA ILE A 492 -41.92 11.02 0.93
C ILE A 492 -41.35 12.41 1.21
N VAL A 493 -41.50 12.89 2.43
CA VAL A 493 -40.90 14.14 2.84
C VAL A 493 -39.39 14.15 2.54
N GLU A 494 -38.68 13.08 2.90
CA GLU A 494 -37.21 13.07 2.75
C GLU A 494 -36.83 13.21 1.27
N ILE A 495 -37.49 12.45 0.42
CA ILE A 495 -37.08 12.32 -0.97
C ILE A 495 -37.67 13.34 -1.93
N THR A 496 -38.72 14.01 -1.49
CA THR A 496 -39.51 14.90 -2.37
C THR A 496 -38.73 15.84 -3.31
N PRO A 497 -37.70 16.57 -2.81
CA PRO A 497 -36.87 17.45 -3.68
C PRO A 497 -36.18 16.65 -4.78
N TRP A 498 -35.64 15.49 -4.45
CA TRP A 498 -35.13 14.54 -5.46
C TRP A 498 -36.19 13.99 -6.41
N VAL A 499 -37.39 13.68 -5.93
CA VAL A 499 -38.45 13.26 -6.84
C VAL A 499 -38.81 14.36 -7.90
N HIS A 500 -38.92 15.62 -7.47
CA HIS A 500 -39.12 16.74 -8.40
C HIS A 500 -37.99 16.81 -9.46
N GLN A 501 -36.76 16.74 -9.02
CA GLN A 501 -35.60 16.81 -9.92
C GLN A 501 -35.56 15.62 -10.91
N PHE A 502 -36.02 14.47 -10.41
CA PHE A 502 -36.09 13.22 -11.16
C PHE A 502 -37.17 13.31 -12.25
N LYS A 503 -38.37 13.82 -11.88
CA LYS A 503 -39.40 14.15 -12.89
C LYS A 503 -38.88 15.14 -13.96
N LEU A 504 -38.23 16.22 -13.55
CA LEU A 504 -37.68 17.14 -14.54
C LEU A 504 -36.69 16.48 -15.50
N THR A 505 -35.85 15.60 -14.95
CA THR A 505 -34.90 14.86 -15.73
C THR A 505 -35.57 14.04 -16.84
N ALA A 506 -36.61 13.30 -16.46
CA ALA A 506 -37.35 12.49 -17.41
C ALA A 506 -38.05 13.35 -18.48
N GLU A 507 -38.73 14.45 -18.07
CA GLU A 507 -39.34 15.40 -19.04
C GLU A 507 -38.28 15.92 -19.99
N MET A 508 -37.12 16.26 -19.44
CA MET A 508 -36.06 16.74 -20.27
C MET A 508 -35.61 15.66 -21.29
N GLY A 509 -35.53 14.39 -20.85
CA GLY A 509 -35.21 13.26 -21.74
C GLY A 509 -36.18 13.13 -22.94
N GLU A 510 -37.48 13.21 -22.67
CA GLU A 510 -38.52 13.07 -23.68
C GLU A 510 -38.44 14.14 -24.75
N GLU A 511 -38.15 15.35 -24.30
CA GLU A 511 -38.06 16.49 -25.17
C GLU A 511 -36.81 16.43 -26.01
N VAL A 512 -35.70 16.03 -25.42
CA VAL A 512 -34.46 15.83 -26.18
C VAL A 512 -34.65 14.74 -27.27
N LEU A 513 -35.40 13.69 -26.93
CA LEU A 513 -35.67 12.61 -27.89
C LEU A 513 -36.55 13.11 -29.03
N LYS A 514 -37.48 13.99 -28.69
CA LYS A 514 -38.27 14.65 -29.72
C LYS A 514 -37.40 15.52 -30.61
N MET A 515 -36.37 16.15 -30.05
CA MET A 515 -35.42 16.89 -30.90
C MET A 515 -34.64 16.03 -31.92
N VAL A 516 -34.19 14.84 -31.48
CA VAL A 516 -33.54 13.86 -32.37
C VAL A 516 -34.49 13.48 -33.49
N GLU A 517 -35.74 13.28 -33.11
CA GLU A 517 -36.82 12.99 -34.05
C GLU A 517 -37.15 14.17 -34.94
N ARG A 519 -38.67 16.43 -36.84
CA ARG A 519 -39.77 16.68 -37.80
C ARG A 519 -39.46 17.85 -38.76
N ASN A 520 -39.51 19.08 -38.24
CA ASN A 520 -39.27 20.30 -39.01
C ASN A 520 -38.64 21.36 -38.10
N GLU A 521 -38.18 22.45 -38.71
CA GLU A 521 -37.43 23.47 -38.01
C GLU A 521 -38.23 24.08 -36.85
N SER A 522 -39.48 24.43 -37.13
CA SER A 522 -40.34 25.03 -36.12
C SER A 522 -40.53 24.12 -34.91
N TYR A 523 -40.81 22.85 -35.16
CA TYR A 523 -41.02 21.89 -34.10
C TYR A 523 -39.78 21.73 -33.25
N PHE A 524 -38.63 21.58 -33.89
CA PHE A 524 -37.37 21.45 -33.20
C PHE A 524 -37.13 22.63 -32.29
N LEU A 525 -37.47 23.83 -32.78
CA LEU A 525 -37.23 25.04 -31.98
C LEU A 525 -38.11 25.10 -30.73
N ARG A 526 -39.32 24.58 -30.85
CA ARG A 526 -40.21 24.50 -29.70
C ARG A 526 -39.61 23.60 -28.65
N LYS A 527 -39.10 22.44 -29.09
CA LYS A 527 -38.51 21.46 -28.20
C LYS A 527 -37.30 21.99 -27.50
N TYR A 528 -36.44 22.65 -28.28
CA TYR A 528 -35.24 23.27 -27.78
C TYR A 528 -35.55 24.30 -26.72
N ASN A 529 -36.57 25.14 -26.93
CA ASN A 529 -36.90 26.18 -25.92
C ASN A 529 -37.46 25.55 -24.64
N HIS A 530 -38.17 24.42 -24.83
CA HIS A 530 -38.73 23.70 -23.71
C HIS A 530 -37.61 23.08 -22.87
N VAL A 531 -36.61 22.51 -23.53
CA VAL A 531 -35.45 21.97 -22.87
C VAL A 531 -34.74 23.04 -22.03
N LYS A 532 -34.47 24.18 -22.63
CA LYS A 532 -33.90 25.31 -21.91
C LYS A 532 -34.71 25.68 -20.65
N ALA A 533 -36.03 25.73 -20.77
CA ALA A 533 -36.86 26.05 -19.60
C ALA A 533 -36.73 24.95 -18.55
N LEU A 534 -36.70 23.67 -18.97
CA LEU A 534 -36.55 22.59 -18.01
C LEU A 534 -35.17 22.63 -17.31
N GLN A 535 -34.12 23.01 -18.03
CA GLN A 535 -32.79 23.20 -17.41
C GLN A 535 -32.85 24.29 -16.35
N GLN A 536 -33.49 25.41 -16.68
CA GLN A 536 -33.61 26.45 -15.66
C GLN A 536 -34.37 25.96 -14.45
N GLN A 537 -35.45 25.18 -14.66
CA GLN A 537 -36.17 24.63 -13.49
C GLN A 537 -35.33 23.75 -12.59
N MET A 538 -34.49 22.91 -13.21
CA MET A 538 -33.57 22.06 -12.47
C MET A 538 -32.60 22.86 -11.65
N PHE A 539 -32.05 23.91 -12.27
CA PHE A 539 -31.20 24.88 -11.56
C PHE A 539 -31.93 25.50 -10.37
N TYR A 540 -33.18 25.91 -10.58
CA TYR A 540 -33.92 26.48 -9.43
CA TYR A 540 -33.69 26.51 -9.36
C TYR A 540 -34.17 25.54 -8.27
N ILE A 541 -34.45 24.27 -8.55
CA ILE A 541 -34.50 23.23 -7.51
C ILE A 541 -33.12 23.03 -6.84
N ASP A 542 -32.04 22.99 -7.63
CA ASP A 542 -30.71 22.82 -7.09
C ASP A 542 -30.30 24.01 -6.21
N GLN A 543 -30.98 25.15 -6.36
CA GLN A 543 -30.59 26.35 -5.64
C GLN A 543 -31.44 26.65 -4.44
N THR A 544 -32.59 25.99 -4.34
CA THR A 544 -33.53 26.33 -3.28
C THR A 544 -33.74 25.16 -2.32
N SER A 545 -33.56 23.94 -2.83
CA SER A 545 -33.70 22.79 -1.98
C SER A 545 -32.35 22.33 -1.36
N ASN A 546 -32.42 21.73 -0.17
CA ASN A 546 -31.27 21.08 0.46
C ASN A 546 -30.05 22.00 0.45
N GLN A 547 -30.23 23.23 0.95
CA GLN A 547 -29.15 24.18 0.91
C GLN A 547 -28.30 24.05 2.15
N ASN A 548 -27.49 22.99 2.19
CA ASN A 548 -26.55 22.72 3.29
C ASN A 548 -25.19 23.36 2.96
N PRO A 549 -24.29 23.54 3.96
CA PRO A 549 -23.08 24.29 3.71
C PRO A 549 -22.04 23.57 2.88
N TYR A 550 -22.27 22.29 2.61
CA TYR A 550 -21.21 21.40 2.12
C TYR A 550 -21.38 20.94 0.68
N GLN A 551 -22.43 20.20 0.39
CA GLN A 551 -22.79 19.91 -0.98
C GLN A 551 -24.29 20.26 -1.17
N PRO A 552 -24.63 21.56 -1.29
CA PRO A 552 -26.02 22.01 -1.40
C PRO A 552 -26.66 21.55 -2.73
N GLY A 553 -27.96 21.41 -2.72
CA GLY A 553 -28.69 21.11 -3.94
C GLY A 553 -29.13 19.65 -4.07
N VAL A 554 -29.57 19.32 -5.27
CA VAL A 554 -30.30 18.09 -5.51
C VAL A 554 -29.87 17.47 -6.85
N LYS A 555 -29.08 16.40 -6.79
CA LYS A 555 -28.64 15.70 -8.01
C LYS A 555 -29.32 14.32 -8.09
N THR A 556 -29.62 13.90 -9.30
CA THR A 556 -30.38 12.66 -9.52
C THR A 556 -30.08 12.04 -10.90
N ALA A 557 -30.23 10.73 -11.01
CA ALA A 557 -29.91 9.97 -12.26
C ALA A 557 -28.61 10.45 -12.90
N THR A 558 -27.57 10.55 -12.08
CA THR A 558 -26.38 11.30 -12.54
C THR A 558 -25.36 10.45 -13.28
N ARG A 559 -25.42 9.13 -13.10
CA ARG A 559 -24.38 8.28 -13.68
C ARG A 559 -24.52 8.01 -15.17
N VAL A 560 -25.73 7.71 -15.60
CA VAL A 560 -26.02 7.32 -16.97
C VAL A 560 -27.07 8.23 -17.65
N ILE A 561 -28.20 8.48 -16.96
CA ILE A 561 -29.33 9.19 -17.58
C ILE A 561 -29.06 10.67 -17.88
N LYS A 562 -28.61 11.44 -16.92
CA LYS A 562 -28.34 12.85 -17.19
C LYS A 562 -27.19 13.09 -18.21
N PRO A 563 -26.10 12.30 -18.13
CA PRO A 563 -25.06 12.49 -19.16
C PRO A 563 -25.58 12.15 -20.54
N LEU A 564 -26.33 11.06 -20.67
CA LEU A 564 -26.98 10.73 -21.94
C LEU A 564 -27.82 11.89 -22.50
N ILE A 565 -28.70 12.44 -21.66
CA ILE A 565 -29.58 13.50 -22.09
C ILE A 565 -28.78 14.72 -22.51
N ASP A 566 -27.83 15.11 -21.68
CA ASP A 566 -27.00 16.27 -21.93
C ASP A 566 -26.23 16.11 -23.24
N ARG A 567 -25.62 14.95 -23.45
CA ARG A 567 -24.72 14.74 -24.60
C ARG A 567 -25.53 14.66 -25.89
N THR A 568 -26.70 14.01 -25.82
CA THR A 568 -27.63 13.98 -26.92
C THR A 568 -28.09 15.38 -27.29
N PHE A 569 -28.41 16.16 -26.26
CA PHE A 569 -28.87 17.51 -26.47
C PHE A 569 -27.78 18.33 -27.19
N ALA A 570 -26.55 18.27 -26.67
CA ALA A 570 -25.40 19.00 -27.24
C ALA A 570 -25.15 18.60 -28.68
N THR A 571 -25.29 17.31 -28.96
CA THR A 571 -25.10 16.77 -30.32
C THR A 571 -26.18 17.25 -31.28
N VAL A 572 -27.47 17.11 -30.93
CA VAL A 572 -28.52 17.55 -31.84
C VAL A 572 -28.47 19.04 -32.13
N VAL A 573 -28.14 19.84 -31.13
CA VAL A 573 -28.03 21.29 -31.29
C VAL A 573 -26.91 21.59 -32.26
N LYS A 574 -25.76 20.93 -32.08
CA LYS A 574 -24.70 21.01 -33.09
C LYS A 574 -25.16 20.67 -34.50
N PHE A 575 -25.85 19.55 -34.68
CA PHE A 575 -26.25 19.18 -36.06
C PHE A 575 -27.19 20.23 -36.62
N PHE A 576 -28.11 20.73 -35.77
CA PHE A 576 -29.09 21.73 -36.21
C PHE A 576 -28.36 22.99 -36.68
N ASN A 577 -27.36 23.41 -35.90
CA ASN A 577 -26.56 24.59 -36.21
C ASN A 577 -25.79 24.47 -37.51
N GLN A 578 -25.32 23.26 -37.82
CA GLN A 578 -24.65 23.03 -39.10
C GLN A 578 -25.64 23.05 -40.26
N LYS A 579 -26.81 22.43 -40.07
CA LYS A 579 -27.79 22.30 -41.16
C LYS A 579 -28.39 23.65 -41.50
N PHE A 580 -28.79 24.39 -40.46
CA PHE A 580 -29.47 25.65 -40.67
C PHE A 580 -28.56 26.89 -40.52
N ASN A 581 -27.24 26.67 -40.51
CA ASN A 581 -26.28 27.75 -40.28
C ASN A 581 -26.67 28.62 -39.07
N ALA A 582 -27.13 27.99 -37.99
CA ALA A 582 -27.61 28.69 -36.82
C ALA A 582 -26.57 28.73 -35.70
N HIS A 583 -26.89 29.43 -34.62
CA HIS A 583 -26.00 29.60 -33.48
C HIS A 583 -26.71 29.33 -32.18
N LEU A 584 -27.46 28.24 -32.12
CA LEU A 584 -28.16 27.91 -30.91
C LEU A 584 -27.14 27.57 -29.85
N ASP A 585 -27.42 27.95 -28.61
CA ASP A 585 -26.62 27.63 -27.44
C ASP A 585 -26.73 26.13 -27.09
N ALA A 586 -25.58 25.45 -27.06
CA ALA A 586 -25.57 23.99 -26.81
C ALA A 586 -25.32 23.60 -25.35
N THR A 587 -25.08 24.61 -24.49
CA THR A 587 -24.66 24.34 -23.10
C THR A 587 -25.83 23.68 -22.38
N THR A 588 -25.52 22.84 -21.40
CA THR A 588 -26.47 21.89 -20.90
C THR A 588 -27.03 22.14 -19.50
N ASP A 589 -26.32 22.90 -18.68
CA ASP A 589 -26.79 23.30 -17.36
C ASP A 589 -27.11 24.81 -17.35
N TYR A 590 -28.27 25.19 -16.80
CA TYR A 590 -28.62 26.59 -16.78
C TYR A 590 -27.69 27.36 -15.86
N MET A 591 -27.22 28.50 -16.34
CA MET A 591 -26.39 29.40 -15.60
C MET A 591 -26.83 30.86 -15.90
N PRO A 592 -27.29 31.58 -14.86
CA PRO A 592 -27.73 32.98 -15.05
C PRO A 592 -26.60 33.98 -15.19
N HIS A 593 -25.46 33.68 -14.56
CA HIS A 593 -24.29 34.55 -14.58
C HIS A 593 -23.41 34.10 -15.74
N LYS A 594 -22.73 35.06 -16.36
CA LYS A 594 -21.93 34.77 -17.57
C LYS A 594 -20.43 34.84 -17.27
N MET A 595 -19.64 34.15 -18.11
CA MET A 595 -18.21 34.07 -17.92
C MET A 595 -17.47 34.27 -19.24
N LEU A 605 -15.00 26.21 -19.49
CA LEU A 605 -15.19 25.99 -18.06
C LEU A 605 -16.54 26.52 -17.54
N PRO A 606 -17.38 25.62 -17.02
CA PRO A 606 -18.70 26.06 -16.53
C PRO A 606 -18.62 26.81 -15.19
N LEU A 607 -19.39 27.89 -15.06
CA LEU A 607 -19.55 28.54 -13.75
C LEU A 607 -20.48 27.66 -12.93
N GLN A 608 -20.39 27.78 -11.60
CA GLN A 608 -21.35 27.10 -10.73
C GLN A 608 -21.84 28.06 -9.68
N VAL A 609 -23.06 27.83 -9.20
CA VAL A 609 -23.62 28.59 -8.11
C VAL A 609 -23.82 27.65 -6.94
N LYS A 610 -23.20 27.98 -5.81
CA LYS A 610 -23.41 27.21 -4.57
C LYS A 610 -23.69 28.19 -3.43
N ALA A 611 -24.88 28.09 -2.84
CA ALA A 611 -25.37 29.08 -1.87
C ALA A 611 -25.14 30.49 -2.44
N ASN A 612 -24.49 31.37 -1.67
CA ASN A 612 -24.16 32.72 -2.13
C ASN A 612 -22.74 32.80 -2.72
N ARG A 613 -22.23 31.69 -3.25
CA ARG A 613 -20.95 31.71 -3.95
C ARG A 613 -21.18 31.48 -5.44
N VAL A 614 -20.42 32.21 -6.26
CA VAL A 614 -20.31 32.00 -7.73
C VAL A 614 -18.85 31.63 -8.07
N LEU A 615 -18.64 30.44 -8.62
CA LEU A 615 -17.29 29.90 -8.81
C LEU A 615 -17.06 29.39 -10.22
N ILE A 616 -15.80 29.36 -10.66
CA ILE A 616 -15.43 28.70 -11.93
C ILE A 616 -15.03 27.26 -11.60
N SER A 617 -15.66 26.30 -12.28
CA SER A 617 -15.35 24.86 -12.11
C SER A 617 -13.82 24.60 -12.04
N PRO A 618 -13.34 24.00 -10.90
CA PRO A 618 -11.94 23.56 -10.78
C PRO A 618 -11.62 22.47 -11.78
N GLU A 632 -12.94 37.00 -17.12
CA GLU A 632 -14.00 37.85 -16.57
C GLU A 632 -15.40 37.19 -16.39
N ILE A 633 -16.06 37.57 -15.29
CA ILE A 633 -17.39 37.08 -14.88
C ILE A 633 -18.41 38.21 -14.83
N GLU A 634 -19.64 37.96 -15.28
CA GLU A 634 -20.71 38.96 -15.20
C GLU A 634 -21.97 38.40 -14.53
N LEU A 635 -22.34 39.00 -13.40
CA LEU A 635 -23.53 38.61 -12.68
C LEU A 635 -24.78 39.23 -13.30
N ASP A 636 -25.89 38.52 -13.16
CA ASP A 636 -27.19 38.92 -13.69
C ASP A 636 -27.77 40.19 -13.05
N ALA A 637 -27.08 40.69 -12.03
CA ALA A 637 -27.51 41.87 -11.27
C ALA A 637 -26.33 42.40 -10.43
N ILE A 638 -26.48 43.64 -9.94
CA ILE A 638 -25.53 44.19 -8.97
C ILE A 638 -25.88 43.59 -7.61
N TYR A 639 -24.88 42.99 -6.97
CA TYR A 639 -24.99 42.46 -5.59
C TYR A 639 -23.93 43.12 -4.73
N PRO A 640 -24.17 43.16 -3.39
CA PRO A 640 -23.06 43.59 -2.54
C PRO A 640 -22.04 42.45 -2.48
N GLY A 641 -20.78 42.77 -2.75
CA GLY A 641 -19.71 41.76 -2.67
C GLY A 641 -19.37 41.41 -1.24
N GLU A 642 -18.92 40.18 -1.02
CA GLU A 642 -18.51 39.76 0.31
C GLU A 642 -17.01 39.51 0.35
N ASN A 643 -16.54 38.63 -0.51
CA ASN A 643 -15.13 38.31 -0.61
C ASN A 643 -14.82 37.58 -1.91
N ILE A 644 -13.52 37.45 -2.20
CA ILE A 644 -13.04 36.68 -3.34
C ILE A 644 -11.86 35.80 -2.90
N GLN A 645 -11.92 34.52 -3.27
CA GLN A 645 -10.84 33.58 -2.95
C GLN A 645 -10.37 32.83 -4.20
N ILE A 646 -9.07 32.94 -4.47
CA ILE A 646 -8.45 32.33 -5.64
C ILE A 646 -7.32 31.39 -5.18
N ASN A 647 -7.15 30.26 -5.86
CA ASN A 647 -6.04 29.34 -5.60
C ASN A 647 -5.49 28.72 -6.88
N SER A 681 -6.88 36.12 -1.55
CA SER A 681 -8.20 36.48 -1.05
C SER A 681 -8.35 37.97 -0.65
N ALA A 682 -9.48 38.58 -1.01
CA ALA A 682 -9.74 40.00 -0.70
C ALA A 682 -11.18 40.28 -0.22
N GLY A 683 -11.30 40.92 0.94
CA GLY A 683 -12.62 41.34 1.47
C GLY A 683 -13.20 42.52 0.71
N LEU A 684 -14.46 42.41 0.29
CA LEU A 684 -15.09 43.40 -0.59
C LEU A 684 -15.89 44.44 0.17
N GLN A 685 -16.04 44.24 1.48
CA GLN A 685 -16.64 45.23 2.40
C GLN A 685 -17.97 45.80 1.86
N LYS A 686 -18.79 44.90 1.30
CA LYS A 686 -20.15 45.17 0.76
C LYS A 686 -20.24 46.02 -0.51
N ALA A 687 -19.14 46.19 -1.24
CA ALA A 687 -19.14 47.03 -2.44
C ALA A 687 -20.12 46.48 -3.48
N PRO A 688 -20.95 47.36 -4.09
CA PRO A 688 -21.75 46.90 -5.23
C PRO A 688 -20.85 46.21 -6.27
N VAL A 689 -21.29 45.05 -6.78
CA VAL A 689 -20.52 44.28 -7.77
C VAL A 689 -21.41 43.58 -8.82
N LYS A 690 -20.97 43.64 -10.07
CA LYS A 690 -21.62 42.97 -11.21
C LYS A 690 -20.58 42.34 -12.15
N PHE A 691 -19.38 42.92 -12.21
CA PHE A 691 -18.31 42.37 -13.05
C PHE A 691 -17.07 42.03 -12.21
N VAL A 692 -16.55 40.82 -12.36
CA VAL A 692 -15.27 40.42 -11.76
C VAL A 692 -14.34 39.96 -12.88
N ARG A 693 -13.24 40.67 -13.04
CA ARG A 693 -12.24 40.40 -14.08
C ARG A 693 -10.89 40.10 -13.42
N PHE A 694 -10.08 39.29 -14.10
CA PHE A 694 -8.72 39.03 -13.62
C PHE A 694 -7.68 39.24 -14.74
N PHE A 709 -11.12 29.91 -7.60
CA PHE A 709 -11.73 31.17 -8.02
C PHE A 709 -13.19 31.25 -7.58
N VAL A 710 -13.42 31.81 -6.41
CA VAL A 710 -14.76 31.90 -5.83
C VAL A 710 -15.16 33.34 -5.43
N LEU A 711 -16.29 33.82 -5.92
CA LEU A 711 -16.87 35.08 -5.47
C LEU A 711 -18.03 34.84 -4.51
N THR A 712 -17.94 35.38 -3.30
CA THR A 712 -19.07 35.37 -2.38
C THR A 712 -19.79 36.73 -2.44
N ILE A 713 -21.11 36.67 -2.42
CA ILE A 713 -21.97 37.85 -2.46
C ILE A 713 -22.95 37.80 -1.29
N GLU A 714 -23.70 38.88 -1.09
CA GLU A 714 -24.85 38.85 -0.20
C GLU A 714 -26.08 38.46 -1.01
N LYS A 715 -26.73 37.38 -0.60
CA LYS A 715 -27.85 36.78 -1.34
C LYS A 715 -28.66 35.87 -0.40
N LEU B 5 36.20 2.26 -23.61
CA LEU B 5 36.04 3.41 -22.64
C LEU B 5 34.86 3.14 -21.70
N GLN B 6 35.10 3.31 -20.41
CA GLN B 6 34.09 3.12 -19.40
C GLN B 6 34.06 4.26 -18.37
N PRO B 7 32.91 4.96 -18.25
CA PRO B 7 31.71 4.78 -19.06
C PRO B 7 31.94 5.21 -20.50
N PRO B 8 31.21 4.60 -21.44
CA PRO B 8 31.29 5.02 -22.85
C PRO B 8 30.81 6.48 -23.02
N PRO B 9 31.60 7.32 -23.71
CA PRO B 9 31.25 8.73 -23.86
C PRO B 9 30.03 8.93 -24.74
N GLN B 10 29.33 10.05 -24.51
CA GLN B 10 28.17 10.40 -25.31
C GLN B 10 28.52 10.42 -26.79
N GLN B 11 29.66 11.01 -27.14
CA GLN B 11 29.98 11.06 -28.55
C GLN B 11 31.47 10.79 -28.73
N LEU B 12 31.81 9.91 -29.68
CA LEU B 12 33.19 9.49 -29.89
C LEU B 12 33.44 9.36 -31.38
N ILE B 13 34.46 10.07 -31.87
CA ILE B 13 34.93 9.94 -33.23
C ILE B 13 36.41 9.54 -33.20
N VAL B 14 36.71 8.36 -33.73
CA VAL B 14 38.09 7.81 -33.76
C VAL B 14 38.60 7.79 -35.19
N GLN B 15 39.79 8.38 -35.39
CA GLN B 15 40.53 8.29 -36.62
C GLN B 15 41.39 7.04 -36.61
N ASN B 16 41.91 6.65 -37.76
CA ASN B 16 42.79 5.50 -37.78
C ASN B 16 44.26 5.88 -37.81
N LYS B 17 44.60 6.86 -36.97
CA LYS B 17 45.96 7.30 -36.73
C LYS B 17 46.25 7.18 -35.23
N THR B 18 47.52 6.97 -34.91
CA THR B 18 47.96 6.95 -33.52
C THR B 18 49.07 7.99 -33.31
N ILE B 19 49.06 8.69 -32.18
CA ILE B 19 50.18 9.57 -31.93
C ILE B 19 50.95 9.10 -30.69
N ASP B 20 52.23 9.44 -30.62
CA ASP B 20 52.94 9.21 -29.36
C ASP B 20 52.61 10.29 -28.34
N LEU B 21 52.55 9.89 -27.06
CA LEU B 21 52.42 10.85 -25.97
C LEU B 21 53.75 11.59 -26.01
N PRO B 22 53.72 12.93 -26.21
CA PRO B 22 54.94 13.64 -26.61
C PRO B 22 56.06 13.51 -25.59
N ALA B 23 57.28 13.37 -26.09
CA ALA B 23 58.46 13.38 -25.24
C ALA B 23 58.71 14.81 -24.74
N VAL B 24 58.32 15.77 -25.56
CA VAL B 24 58.45 17.18 -25.25
C VAL B 24 57.07 17.79 -25.45
N TYR B 25 56.54 18.35 -24.37
CA TYR B 25 55.27 19.01 -24.42
C TYR B 25 55.30 20.41 -23.85
N GLN B 26 54.37 21.23 -24.35
CA GLN B 26 54.09 22.54 -23.80
C GLN B 26 52.76 22.45 -23.08
N LEU B 27 52.76 22.74 -21.79
CA LEU B 27 51.52 22.72 -21.06
C LEU B 27 50.91 24.10 -21.00
N ASN B 28 49.67 24.20 -21.43
CA ASN B 28 48.94 25.45 -21.43
C ASN B 28 47.71 25.33 -20.52
N GLY B 29 47.64 26.17 -19.48
CA GLY B 29 46.49 26.18 -18.56
C GLY B 29 46.67 25.48 -17.23
N GLY B 30 47.87 24.96 -16.99
CA GLY B 30 48.12 24.18 -15.77
C GLY B 30 48.01 24.97 -14.46
N GLU B 31 48.27 26.27 -14.50
CA GLU B 31 48.09 27.07 -13.28
C GLU B 31 46.63 27.47 -12.96
N GLU B 32 45.74 27.34 -13.93
CA GLU B 32 44.36 27.77 -13.77
C GLU B 32 43.29 26.66 -13.82
N ALA B 33 43.63 25.53 -14.42
CA ALA B 33 42.71 24.39 -14.48
C ALA B 33 42.55 23.69 -13.10
N ASN B 34 41.48 22.90 -12.97
CA ASN B 34 41.23 22.10 -11.77
C ASN B 34 42.53 21.39 -11.32
N PRO B 35 43.09 21.79 -10.15
CA PRO B 35 44.32 21.16 -9.66
C PRO B 35 44.23 19.61 -9.61
N HIS B 36 43.05 19.09 -9.28
CA HIS B 36 42.87 17.62 -9.29
C HIS B 36 43.16 17.05 -10.70
N ALA B 37 42.67 17.73 -11.74
CA ALA B 37 42.84 17.22 -13.08
C ALA B 37 44.30 17.40 -13.52
N VAL B 38 44.91 18.51 -13.11
CA VAL B 38 46.32 18.80 -13.46
C VAL B 38 47.27 17.74 -12.86
N LYS B 39 47.02 17.39 -11.61
CA LYS B 39 47.77 16.30 -10.96
C LYS B 39 47.72 14.98 -11.78
N VAL B 40 46.53 14.53 -12.19
CA VAL B 40 46.41 13.31 -13.02
C VAL B 40 47.32 13.47 -14.26
N LEU B 41 47.21 14.63 -14.91
CA LEU B 41 47.90 14.90 -16.16
C LEU B 41 49.42 14.77 -15.96
N LYS B 42 49.89 15.36 -14.89
CA LYS B 42 51.30 15.36 -14.60
C LYS B 42 51.83 13.97 -14.25
N GLU B 43 51.00 13.14 -13.61
CA GLU B 43 51.45 11.77 -13.37
C GLU B 43 51.63 10.99 -14.67
N LEU B 44 50.68 11.14 -15.58
CA LEU B 44 50.74 10.48 -16.88
C LEU B 44 51.91 10.99 -17.74
N LEU B 45 52.34 12.25 -17.53
CA LEU B 45 53.45 12.89 -18.24
C LEU B 45 54.80 12.81 -17.51
N SER B 46 54.79 12.18 -16.33
CA SER B 46 56.02 12.01 -15.59
C SER B 46 56.97 11.19 -16.46
N GLY B 47 58.22 11.64 -16.57
CA GLY B 47 59.14 11.05 -17.51
C GLY B 47 59.27 11.90 -18.76
N LYS B 48 58.16 12.49 -19.21
CA LYS B 48 58.20 13.40 -20.35
C LYS B 48 58.72 14.78 -19.93
N GLN B 49 59.03 15.64 -20.89
CA GLN B 49 59.60 16.93 -20.52
C GLN B 49 58.84 18.18 -20.92
N SER B 50 58.83 19.12 -19.98
CA SER B 50 58.11 20.36 -20.12
C SER B 50 58.93 21.45 -20.79
N SER B 51 58.33 22.18 -21.70
CA SER B 51 59.03 23.24 -22.40
C SER B 51 58.18 23.90 -23.46
N LYS B 52 58.68 25.03 -23.94
CA LYS B 52 58.02 25.77 -25.00
C LYS B 52 58.10 25.09 -26.37
N LYS B 53 59.16 24.33 -26.60
CA LYS B 53 59.26 23.52 -27.79
C LYS B 53 58.23 22.40 -27.68
N GLY B 54 57.94 21.71 -28.77
CA GLY B 54 57.12 20.49 -28.65
C GLY B 54 55.63 20.71 -28.46
N MET B 55 54.90 19.58 -28.40
CA MET B 55 53.49 19.56 -28.68
C MET B 55 52.65 20.25 -27.62
N LEU B 56 51.60 20.92 -28.05
CA LEU B 56 50.79 21.72 -27.14
C LEU B 56 49.74 20.86 -26.47
N ILE B 57 49.64 21.03 -25.15
CA ILE B 57 48.62 20.37 -24.37
C ILE B 57 47.82 21.46 -23.63
N SER B 58 46.52 21.56 -23.92
CA SER B 58 45.71 22.63 -23.34
C SER B 58 44.71 22.00 -22.39
N ILE B 59 44.74 22.45 -21.13
CA ILE B 59 43.84 21.96 -20.07
C ILE B 59 43.15 23.15 -19.42
N GLY B 60 41.87 23.04 -19.13
CA GLY B 60 41.20 24.15 -18.50
C GLY B 60 39.70 23.96 -18.45
N GLU B 61 39.00 24.85 -17.75
CA GLU B 61 37.53 24.89 -17.79
C GLU B 61 37.17 25.92 -18.87
N LYS B 62 35.92 25.91 -19.33
CA LYS B 62 35.49 26.74 -20.48
C LYS B 62 35.81 28.25 -20.40
N GLY B 63 35.83 28.82 -19.21
CA GLY B 63 36.13 30.29 -19.11
C GLY B 63 37.62 30.64 -19.05
N ASP B 64 38.51 29.65 -18.90
CA ASP B 64 39.94 29.91 -18.80
C ASP B 64 40.46 30.22 -20.19
N LYS B 65 41.46 31.08 -20.23
CA LYS B 65 42.07 31.49 -21.45
C LYS B 65 42.75 30.32 -22.21
N SER B 66 43.18 29.28 -21.47
CA SER B 66 43.79 28.09 -22.08
C SER B 66 42.87 27.39 -23.12
N VAL B 67 41.58 27.29 -22.81
CA VAL B 67 40.72 26.52 -23.70
C VAL B 67 39.48 27.28 -24.15
N ARG B 68 39.39 28.58 -23.86
CA ARG B 68 38.21 29.39 -24.20
C ARG B 68 37.83 29.26 -25.70
N LYS B 69 38.84 29.25 -26.57
CA LYS B 69 38.64 29.16 -28.00
C LYS B 69 37.93 27.87 -28.42
N TYR B 70 37.81 26.89 -27.49
CA TYR B 70 37.10 25.65 -27.79
C TYR B 70 35.68 25.61 -27.24
N SER B 71 35.13 26.78 -26.89
CA SER B 71 33.86 26.77 -26.16
C SER B 71 32.73 26.12 -26.95
N ARG B 72 32.77 26.29 -28.28
CA ARG B 72 31.79 25.70 -29.17
C ARG B 72 31.88 24.17 -29.18
N GLN B 73 33.01 23.61 -28.79
CA GLN B 73 33.11 22.13 -28.67
C GLN B 73 32.72 21.55 -27.31
N ILE B 74 32.75 22.36 -26.26
CA ILE B 74 32.52 21.87 -24.90
C ILE B 74 31.03 21.75 -24.62
N PRO B 75 30.51 20.53 -24.30
CA PRO B 75 29.07 20.39 -24.11
C PRO B 75 28.56 21.31 -23.02
N ASP B 76 27.37 21.86 -23.22
CA ASP B 76 26.81 22.82 -22.26
C ASP B 76 26.02 22.00 -21.22
N HIS B 77 26.76 21.23 -20.42
CA HIS B 77 26.21 20.27 -19.46
C HIS B 77 27.16 20.24 -18.25
N LYS B 78 26.58 20.29 -17.05
CA LYS B 78 27.33 20.05 -15.81
C LYS B 78 28.17 18.76 -15.98
N GLU B 79 29.46 18.85 -15.68
CA GLU B 79 30.38 17.74 -15.68
C GLU B 79 30.76 17.26 -17.07
N GLY B 80 30.34 18.00 -18.10
CA GLY B 80 30.70 17.74 -19.49
C GLY B 80 32.14 18.15 -19.81
N TYR B 81 32.67 17.64 -20.93
CA TYR B 81 34.01 18.03 -21.37
C TYR B 81 34.20 17.74 -22.85
N TYR B 82 35.24 18.33 -23.41
CA TYR B 82 35.66 18.05 -24.75
C TYR B 82 37.10 17.53 -24.60
N LEU B 83 37.38 16.44 -25.29
CA LEU B 83 38.75 15.90 -25.35
C LEU B 83 39.09 15.73 -26.81
N SER B 84 40.30 16.14 -27.18
CA SER B 84 40.74 15.97 -28.52
C SER B 84 42.22 15.64 -28.54
N VAL B 85 42.59 14.69 -29.38
CA VAL B 85 43.97 14.33 -29.64
C VAL B 85 44.18 14.28 -31.14
N ASN B 86 45.14 15.02 -31.66
CA ASN B 86 45.52 14.83 -33.04
C ASN B 86 47.02 15.03 -33.12
N GLU B 87 47.56 14.86 -34.30
CA GLU B 87 48.98 15.03 -34.59
C GLU B 87 49.58 16.33 -33.99
N LYS B 88 48.74 17.34 -33.89
CA LYS B 88 49.15 18.72 -33.63
C LYS B 88 49.08 19.08 -32.15
N GLU B 89 47.96 18.74 -31.49
CA GLU B 89 47.78 19.11 -30.10
C GLU B 89 46.82 18.19 -29.33
N ILE B 90 46.79 18.37 -28.01
CA ILE B 90 45.86 17.66 -27.15
C ILE B 90 45.01 18.68 -26.45
N VAL B 91 43.71 18.44 -26.36
CA VAL B 91 42.83 19.39 -25.72
C VAL B 91 42.05 18.67 -24.61
N LEU B 92 42.07 19.24 -23.42
CA LEU B 92 41.34 18.69 -22.29
C LEU B 92 40.51 19.78 -21.61
N ALA B 93 39.25 19.90 -22.02
CA ALA B 93 38.48 21.11 -21.68
C ALA B 93 37.17 20.78 -21.02
N GLY B 94 37.06 21.11 -19.72
CA GLY B 94 35.84 20.82 -18.97
C GLY B 94 34.78 21.94 -19.12
N ASN B 95 33.49 21.60 -19.09
CA ASN B 95 32.49 22.63 -18.91
C ASN B 95 32.71 23.32 -17.55
N ASP B 96 33.34 22.59 -16.62
CA ASP B 96 33.45 23.03 -15.23
C ASP B 96 34.58 22.22 -14.62
N GLU B 97 34.95 22.51 -13.37
CA GLU B 97 36.14 21.84 -12.80
C GLU B 97 36.05 20.33 -12.85
N ARG B 98 34.89 19.79 -12.51
CA ARG B 98 34.78 18.37 -12.51
C ARG B 98 34.82 17.78 -13.91
N GLY B 99 34.29 18.50 -14.89
CA GLY B 99 34.35 18.08 -16.28
C GLY B 99 35.78 17.91 -16.70
N THR B 100 36.66 18.82 -16.25
CA THR B 100 38.06 18.74 -16.66
C THR B 100 38.66 17.45 -16.09
N TYR B 101 38.28 17.14 -14.84
CA TYR B 101 38.76 15.94 -14.14
C TYR B 101 38.32 14.70 -14.91
N TYR B 102 37.06 14.74 -15.35
CA TYR B 102 36.54 13.62 -16.09
C TYR B 102 37.17 13.46 -17.47
N ALA B 103 37.46 14.57 -18.12
CA ALA B 103 38.31 14.54 -19.33
C ALA B 103 39.59 13.76 -19.04
N LEU B 104 40.24 14.02 -17.90
CA LEU B 104 41.49 13.31 -17.64
C LEU B 104 41.32 11.81 -17.40
N GLN B 105 40.20 11.41 -16.81
CA GLN B 105 39.92 9.99 -16.59
C GLN B 105 39.63 9.25 -17.87
N THR B 106 39.05 9.93 -18.86
CA THR B 106 38.90 9.34 -20.18
C THR B 106 40.27 9.25 -20.85
N PHE B 107 41.06 10.30 -20.69
CA PHE B 107 42.39 10.37 -21.29
C PHE B 107 43.29 9.22 -20.83
N ALA B 108 43.39 9.01 -19.52
CA ALA B 108 44.11 7.91 -18.96
C ALA B 108 43.71 6.53 -19.53
N GLN B 109 42.42 6.34 -19.88
CA GLN B 109 42.02 5.08 -20.55
C GLN B 109 42.40 4.97 -22.02
N LEU B 110 42.63 6.11 -22.67
CA LEU B 110 43.02 6.14 -24.06
C LEU B 110 44.47 5.75 -24.17
N LEU B 111 45.26 6.22 -23.22
CA LEU B 111 46.69 6.04 -23.24
C LEU B 111 47.07 4.58 -23.05
N LYS B 112 47.79 4.04 -24.03
CA LYS B 112 48.28 2.66 -23.94
C LYS B 112 49.64 2.44 -24.59
N ASP B 113 50.56 1.89 -23.81
CA ASP B 113 51.89 1.54 -24.28
C ASP B 113 52.60 2.77 -24.82
N GLY B 114 52.27 3.91 -24.22
CA GLY B 114 52.84 5.20 -24.57
C GLY B 114 52.20 5.88 -25.76
N LYS B 115 51.09 5.34 -26.25
CA LYS B 115 50.44 5.85 -27.46
C LYS B 115 48.97 6.23 -27.28
N LEU B 116 48.51 7.15 -28.12
CA LEU B 116 47.13 7.59 -28.10
C LEU B 116 46.49 7.46 -29.47
N PRO B 117 45.18 7.19 -29.50
CA PRO B 117 44.48 7.24 -30.79
C PRO B 117 44.16 8.67 -31.15
N GLU B 118 43.93 8.92 -32.43
CA GLU B 118 43.50 10.25 -32.82
C GLU B 118 41.99 10.24 -32.63
N VAL B 119 41.50 11.09 -31.73
CA VAL B 119 40.10 10.99 -31.33
C VAL B 119 39.49 12.35 -30.99
N GLU B 120 38.16 12.40 -31.04
CA GLU B 120 37.47 13.57 -30.60
C GLU B 120 36.28 13.07 -29.84
N ILE B 121 36.08 13.60 -28.61
CA ILE B 121 35.08 13.13 -27.69
C ILE B 121 34.32 14.32 -27.11
N LYS B 122 32.99 14.22 -27.11
CA LYS B 122 32.18 15.19 -26.41
C LYS B 122 31.32 14.35 -25.48
N ASP B 123 31.39 14.65 -24.19
CA ASP B 123 30.91 13.77 -23.15
C ASP B 123 30.35 14.53 -21.98
N TYR B 124 29.38 13.89 -21.32
CA TYR B 124 28.75 14.46 -20.16
C TYR B 124 27.89 13.30 -19.58
N PRO B 125 27.47 13.44 -18.30
CA PRO B 125 26.57 12.36 -17.76
C PRO B 125 25.10 12.52 -18.06
N SER B 126 24.35 11.41 -18.24
CA SER B 126 22.90 11.47 -18.39
C SER B 126 22.13 11.64 -17.08
N VAL B 127 22.72 11.21 -15.96
CA VAL B 127 22.12 11.33 -14.62
C VAL B 127 23.03 12.22 -13.76
N ARG B 128 22.42 13.16 -13.05
CA ARG B 128 23.20 14.24 -12.39
C ARG B 128 24.01 13.72 -11.17
N TYR B 129 23.40 12.88 -10.34
CA TYR B 129 24.12 12.21 -9.18
C TYR B 129 24.34 10.70 -9.36
N ARG B 130 25.60 10.23 -9.30
CA ARG B 130 25.88 8.84 -9.68
C ARG B 130 26.80 8.28 -8.64
N GLY B 131 26.48 7.15 -8.06
CA GLY B 131 27.38 6.66 -7.00
C GLY B 131 26.90 5.53 -6.15
N VAL B 132 27.36 5.55 -4.89
CA VAL B 132 27.26 4.44 -3.96
C VAL B 132 26.66 4.92 -2.63
N VAL B 133 25.65 4.21 -2.09
CA VAL B 133 25.29 4.49 -0.74
C VAL B 133 25.80 3.30 0.09
N GLU B 134 26.74 3.56 1.00
CA GLU B 134 27.07 2.50 2.00
C GLU B 134 25.93 2.49 3.05
N GLY B 135 24.85 1.77 2.77
CA GLY B 135 23.63 1.87 3.61
C GLY B 135 23.07 0.53 4.03
N PHE B 136 23.93 -0.48 4.04
CA PHE B 136 23.52 -1.85 4.37
C PHE B 136 23.67 -2.15 5.86
N TYR B 137 23.04 -3.26 6.27
CA TYR B 137 23.25 -3.89 7.57
C TYR B 137 24.44 -4.85 7.53
N GLY B 138 25.21 -4.94 8.62
CA GLY B 138 26.44 -5.78 8.60
C GLY B 138 27.68 -4.98 9.00
N THR B 139 28.87 -5.61 9.00
CA THR B 139 30.13 -4.92 9.31
C THR B 139 30.39 -3.78 8.33
N PRO B 140 30.38 -2.53 8.85
CA PRO B 140 30.58 -1.39 7.97
C PRO B 140 31.97 -1.56 7.26
N TRP B 141 32.13 -0.99 6.07
CA TRP B 141 33.43 -1.03 5.33
C TRP B 141 34.57 -0.52 6.20
N SER B 142 35.75 -1.08 6.04
CA SER B 142 36.89 -0.61 6.80
C SER B 142 37.35 0.73 6.20
N HIS B 143 38.23 1.44 6.95
CA HIS B 143 38.68 2.72 6.51
C HIS B 143 39.49 2.51 5.21
N GLN B 144 40.36 1.50 5.19
CA GLN B 144 41.13 1.21 4.01
C GLN B 144 40.25 0.86 2.83
N ALA B 145 39.17 0.09 3.06
CA ALA B 145 38.28 -0.19 1.96
C ALA B 145 37.68 1.13 1.40
N ARG B 146 37.22 2.03 2.30
CA ARG B 146 36.57 3.27 1.90
C ARG B 146 37.52 4.18 1.08
N LEU B 147 38.79 4.24 1.51
CA LEU B 147 39.81 4.98 0.74
C LEU B 147 39.96 4.42 -0.69
N SER B 148 39.95 3.08 -0.81
CA SER B 148 40.03 2.42 -2.11
C SER B 148 38.85 2.71 -2.98
N GLN B 149 37.64 2.65 -2.38
CA GLN B 149 36.40 2.94 -3.06
C GLN B 149 36.37 4.35 -3.64
N LEU B 150 36.76 5.33 -2.83
CA LEU B 150 36.74 6.72 -3.32
C LEU B 150 37.58 6.96 -4.56
N LYS B 151 38.77 6.36 -4.62
CA LYS B 151 39.61 6.46 -5.79
C LYS B 151 38.97 5.77 -7.00
N PHE B 152 38.37 4.62 -6.75
CA PHE B 152 37.62 3.90 -7.78
C PHE B 152 36.42 4.70 -8.33
N TYR B 153 35.67 5.41 -7.46
CA TYR B 153 34.61 6.33 -7.93
C TYR B 153 35.13 7.41 -8.86
N GLY B 154 36.14 8.15 -8.42
CA GLY B 154 36.77 9.13 -9.27
C GLY B 154 37.08 8.58 -10.67
N LYS B 155 37.67 7.41 -10.73
CA LYS B 155 38.06 6.83 -12.04
C LYS B 155 36.89 6.50 -12.93
N ASN B 156 35.75 6.16 -12.31
CA ASN B 156 34.54 5.79 -13.02
C ASN B 156 33.48 6.89 -13.11
N LYS B 157 33.91 8.11 -12.78
CA LYS B 157 33.06 9.30 -12.87
C LYS B 157 31.84 9.17 -11.98
N MET B 158 31.97 8.46 -10.85
CA MET B 158 30.87 8.49 -9.85
C MET B 158 31.09 9.72 -8.97
N ASN B 159 30.13 10.61 -8.86
CA ASN B 159 30.33 11.86 -8.05
C ASN B 159 29.74 11.88 -6.61
N THR B 160 29.16 10.76 -6.18
CA THR B 160 28.37 10.68 -4.92
C THR B 160 28.72 9.43 -4.12
N TYR B 161 29.10 9.66 -2.87
CA TYR B 161 29.26 8.61 -1.88
C TYR B 161 28.47 9.01 -0.67
N ILE B 162 27.45 8.22 -0.40
CA ILE B 162 26.60 8.48 0.74
C ILE B 162 27.00 7.54 1.87
N TYR B 163 27.51 8.12 2.94
CA TYR B 163 27.95 7.36 4.09
C TYR B 163 26.75 7.10 4.98
N GLY B 164 26.28 5.85 5.08
CA GLY B 164 25.19 5.52 6.05
C GLY B 164 25.08 4.06 6.50
N PRO B 165 26.21 3.45 6.99
CA PRO B 165 26.19 2.04 7.43
C PRO B 165 25.16 1.90 8.56
N LYS B 166 24.20 1.01 8.44
CA LYS B 166 23.16 0.90 9.45
C LYS B 166 23.74 0.57 10.83
N ASP B 167 24.84 -0.16 10.85
CA ASP B 167 25.42 -0.56 12.13
C ASP B 167 26.50 0.36 12.73
N ASP B 168 26.69 1.54 12.15
CA ASP B 168 27.53 2.61 12.76
C ASP B 168 26.73 3.32 13.84
N PRO B 169 27.11 3.13 15.13
CA PRO B 169 26.25 3.70 16.14
C PRO B 169 26.23 5.25 16.15
N TYR B 170 27.15 5.93 15.50
CA TYR B 170 27.11 7.39 15.51
C TYR B 170 26.32 7.90 14.28
N HIS B 171 25.86 6.97 13.43
CA HIS B 171 25.00 7.26 12.25
C HIS B 171 23.52 6.99 12.63
N SER B 172 23.30 5.91 13.37
CA SER B 172 21.96 5.48 13.71
C SER B 172 21.72 5.43 15.23
N ALA B 173 20.79 4.54 15.61
CA ALA B 173 20.51 4.17 17.00
C ALA B 173 21.71 3.62 17.68
N PRO B 174 22.03 4.09 18.89
CA PRO B 174 21.37 5.15 19.60
C PRO B 174 22.21 6.43 19.66
N ASN B 175 23.43 6.45 19.12
CA ASN B 175 24.35 7.52 19.39
C ASN B 175 24.48 8.55 18.25
N TRP B 176 23.48 8.61 17.36
CA TRP B 176 23.44 9.66 16.35
C TRP B 176 23.53 11.07 16.96
N ARG B 177 23.07 11.24 18.20
CA ARG B 177 23.22 12.54 18.87
C ARG B 177 24.68 12.91 19.24
N LEU B 178 25.58 11.94 19.21
CA LEU B 178 26.94 12.20 19.72
C LEU B 178 27.95 12.43 18.61
N PRO B 179 28.91 13.38 18.80
CA PRO B 179 30.00 13.54 17.82
C PRO B 179 30.83 12.25 17.75
N TYR B 180 31.40 11.96 16.61
CA TYR B 180 32.32 10.83 16.49
C TYR B 180 33.46 11.02 17.48
N PRO B 181 33.97 9.94 18.07
CA PRO B 181 35.19 10.08 18.86
C PRO B 181 36.39 10.46 17.97
N ASP B 182 37.46 10.91 18.61
CA ASP B 182 38.61 11.49 17.92
C ASP B 182 39.15 10.63 16.77
N LYS B 183 39.38 9.34 17.02
CA LYS B 183 39.95 8.43 16.01
C LYS B 183 39.04 8.37 14.79
N GLU B 184 37.74 8.15 15.00
CA GLU B 184 36.78 8.07 13.92
C GLU B 184 36.63 9.40 13.18
N ALA B 185 36.57 10.48 13.95
CA ALA B 185 36.52 11.83 13.39
C ALA B 185 37.68 12.08 12.44
N ALA B 186 38.89 11.77 12.89
CA ALA B 186 40.08 11.97 12.08
C ALA B 186 40.05 11.09 10.81
N GLN B 187 39.46 9.88 10.91
CA GLN B 187 39.30 9.04 9.71
C GLN B 187 38.29 9.62 8.76
N LEU B 188 37.15 10.06 9.27
CA LEU B 188 36.18 10.75 8.42
C LEU B 188 36.73 12.00 7.72
N GLN B 189 37.53 12.79 8.44
CA GLN B 189 38.11 13.96 7.87
C GLN B 189 39.02 13.57 6.70
N GLU B 190 39.74 12.45 6.85
CA GLU B 190 40.60 11.97 5.77
C GLU B 190 39.76 11.49 4.56
N LEU B 191 38.71 10.71 4.83
CA LEU B 191 37.79 10.32 3.74
C LEU B 191 37.27 11.54 2.95
N VAL B 192 36.89 12.61 3.65
CA VAL B 192 36.38 13.82 3.01
C VAL B 192 37.45 14.42 2.09
N ALA B 193 38.70 14.54 2.60
CA ALA B 193 39.80 15.04 1.78
C ALA B 193 40.00 14.20 0.49
N VAL B 194 40.06 12.89 0.64
CA VAL B 194 40.33 11.99 -0.50
C VAL B 194 39.14 12.05 -1.48
N ALA B 195 37.93 12.07 -0.96
CA ALA B 195 36.72 12.29 -1.75
C ALA B 195 36.80 13.58 -2.59
N ASN B 196 37.24 14.67 -1.94
CA ASN B 196 37.34 15.97 -2.61
C ASN B 196 38.33 15.89 -3.78
N GLU B 197 39.47 15.25 -3.54
CA GLU B 197 40.50 15.05 -4.54
C GLU B 197 40.12 14.16 -5.74
N ASN B 198 39.08 13.34 -5.55
CA ASN B 198 38.56 12.42 -6.57
C ASN B 198 37.21 12.92 -7.12
N GLU B 199 36.89 14.18 -6.80
CA GLU B 199 35.74 14.84 -7.31
C GLU B 199 34.44 14.11 -6.91
N VAL B 200 34.44 13.55 -5.72
CA VAL B 200 33.31 12.83 -5.19
C VAL B 200 32.75 13.68 -4.05
N ASP B 201 31.41 13.86 -4.04
CA ASP B 201 30.71 14.45 -2.90
C ASP B 201 30.51 13.39 -1.78
N PHE B 202 31.12 13.66 -0.62
CA PHE B 202 30.91 12.85 0.56
C PHE B 202 29.65 13.33 1.19
N VAL B 203 28.63 12.48 1.18
CA VAL B 203 27.37 12.85 1.75
C VAL B 203 27.25 12.12 3.07
N TRP B 204 27.27 12.85 4.20
CA TRP B 204 27.07 12.17 5.49
C TRP B 204 25.58 12.09 5.86
N ALA B 205 25.10 10.87 6.04
CA ALA B 205 23.72 10.59 6.34
C ALA B 205 23.53 10.38 7.82
N ILE B 206 22.35 10.66 8.35
CA ILE B 206 22.06 10.37 9.72
C ILE B 206 20.75 9.59 9.70
N HIS B 207 20.54 8.74 10.70
CA HIS B 207 19.44 7.78 10.70
C HIS B 207 18.85 7.84 12.12
N PRO B 208 18.14 8.95 12.39
CA PRO B 208 17.79 9.25 13.75
C PRO B 208 16.37 8.85 14.14
N GLY B 209 15.60 8.32 13.18
CA GLY B 209 14.13 8.23 13.37
C GLY B 209 13.61 7.22 14.38
N GLN B 210 14.38 6.16 14.64
CA GLN B 210 13.93 5.14 15.57
C GLN B 210 13.61 5.69 16.96
N ASP B 211 14.41 6.67 17.39
CA ASP B 211 14.20 7.23 18.74
C ASP B 211 14.07 8.75 18.78
N ILE B 212 13.92 9.41 17.62
CA ILE B 212 13.80 10.87 17.59
C ILE B 212 12.57 11.33 18.36
N LYS B 213 12.71 12.41 19.13
CA LYS B 213 11.59 13.16 19.68
C LYS B 213 11.40 14.39 18.81
N TRP B 214 10.14 14.75 18.59
CA TRP B 214 9.81 15.89 17.76
C TRP B 214 9.76 17.11 18.67
N ASN B 215 10.93 17.45 19.22
CA ASN B 215 11.08 18.57 20.16
C ASN B 215 12.34 19.40 19.80
N LYS B 216 12.55 20.49 20.54
CA LYS B 216 13.65 21.42 20.30
C LYS B 216 14.96 20.74 20.58
N GLU B 217 15.00 19.97 21.67
CA GLU B 217 16.24 19.34 22.05
C GLU B 217 16.81 18.38 20.96
N ASP B 218 16.00 17.49 20.39
CA ASP B 218 16.52 16.54 19.37
C ASP B 218 16.81 17.27 18.06
N ARG B 219 15.96 18.21 17.69
CA ARG B 219 16.20 19.11 16.55
C ARG B 219 17.56 19.80 16.68
N ASP B 220 17.81 20.44 17.82
CA ASP B 220 19.13 21.04 18.08
C ASP B 220 20.27 20.05 18.08
N LEU B 221 20.11 18.88 18.69
CA LEU B 221 21.22 17.91 18.67
C LEU B 221 21.54 17.46 17.26
N LEU B 222 20.49 17.29 16.45
CA LEU B 222 20.70 16.88 15.06
C LEU B 222 21.51 17.99 14.32
N LEU B 223 21.07 19.23 14.48
CA LEU B 223 21.83 20.30 13.85
C LEU B 223 23.25 20.40 14.41
N ALA B 224 23.42 20.27 15.74
CA ALA B 224 24.77 20.30 16.33
C ALA B 224 25.63 19.20 15.74
N LYS B 225 25.04 18.03 15.49
CA LYS B 225 25.79 16.95 14.87
C LYS B 225 26.24 17.28 13.42
N PHE B 226 25.31 17.80 12.64
CA PHE B 226 25.61 18.23 11.26
C PHE B 226 26.72 19.29 11.30
N GLU B 227 26.63 20.23 12.25
CA GLU B 227 27.69 21.21 12.41
C GLU B 227 29.04 20.56 12.64
N LYS B 228 29.08 19.50 13.51
CA LYS B 228 30.35 18.83 13.79
C LYS B 228 30.89 18.19 12.52
N MET B 229 30.00 17.58 11.75
CA MET B 229 30.42 16.95 10.48
C MET B 229 30.94 17.99 9.48
N TYR B 230 30.27 19.15 9.43
CA TYR B 230 30.73 20.29 8.58
C TYR B 230 32.15 20.72 8.99
N GLN B 231 32.37 20.80 10.32
CA GLN B 231 33.73 21.06 10.85
C GLN B 231 34.80 20.02 10.36
N LEU B 232 34.41 18.77 10.18
CA LEU B 232 35.30 17.75 9.59
C LEU B 232 35.41 17.85 8.04
N GLY B 233 34.74 18.84 7.44
CA GLY B 233 34.82 19.07 6.01
C GLY B 233 33.61 18.57 5.20
N VAL B 234 32.60 18.03 5.85
CA VAL B 234 31.45 17.50 5.11
C VAL B 234 30.64 18.69 4.52
N ARG B 235 30.27 18.58 3.24
CA ARG B 235 29.54 19.60 2.52
C ARG B 235 28.20 19.10 1.90
N SER B 236 27.92 17.82 2.05
CA SER B 236 26.61 17.26 1.66
C SER B 236 26.05 16.41 2.79
N PHE B 237 24.72 16.39 2.91
CA PHE B 237 24.09 15.76 4.06
C PHE B 237 22.85 14.99 3.65
N ALA B 238 22.51 13.96 4.44
CA ALA B 238 21.25 13.22 4.26
C ALA B 238 20.62 12.88 5.57
N VAL B 239 19.30 12.81 5.60
CA VAL B 239 18.60 12.23 6.77
C VAL B 239 17.80 11.02 6.29
N PHE B 240 17.99 9.86 6.90
CA PHE B 240 17.29 8.64 6.43
C PHE B 240 16.30 8.25 7.43
N PHE B 241 15.08 8.01 6.96
CA PHE B 241 14.01 7.53 7.81
C PHE B 241 13.54 6.09 7.39
N ASP B 242 14.44 5.28 6.84
CA ASP B 242 14.03 3.95 6.38
C ASP B 242 14.12 2.88 7.46
N ASP B 243 13.18 1.92 7.45
CA ASP B 243 13.27 0.73 8.31
C ASP B 243 13.18 1.05 9.80
N ILE B 244 12.22 1.90 10.17
CA ILE B 244 12.10 2.32 11.51
C ILE B 244 10.62 2.22 11.84
N SER B 245 10.29 2.27 13.12
CA SER B 245 8.91 2.36 13.56
C SER B 245 8.67 3.45 14.62
N GLY B 246 7.39 3.83 14.80
CA GLY B 246 7.01 4.80 15.81
C GLY B 246 6.79 6.19 15.27
N GLU B 247 6.84 7.16 16.21
CA GLU B 247 6.57 8.58 15.88
C GLU B 247 7.48 9.16 14.82
N GLY B 248 8.68 8.59 14.70
CA GLY B 248 9.67 9.09 13.75
C GLY B 248 9.30 8.92 12.28
N THR B 249 8.14 8.27 12.04
CA THR B 249 7.69 7.94 10.68
C THR B 249 6.68 9.00 10.20
N ASN B 250 6.47 10.02 11.02
CA ASN B 250 5.54 11.07 10.74
C ASN B 250 6.00 11.96 9.56
N PRO B 251 5.27 11.90 8.42
CA PRO B 251 5.81 12.58 7.23
C PRO B 251 5.78 14.10 7.37
N GLN B 252 4.79 14.61 8.09
CA GLN B 252 4.69 16.03 8.31
C GLN B 252 5.87 16.54 9.13
N LYS B 253 6.19 15.84 10.19
CA LYS B 253 7.35 16.18 11.03
C LYS B 253 8.66 15.98 10.31
N GLN B 254 8.72 14.93 9.50
CA GLN B 254 9.91 14.71 8.69
C GLN B 254 10.18 15.87 7.77
N ALA B 255 9.17 16.29 7.01
CA ALA B 255 9.30 17.41 6.07
C ALA B 255 9.72 18.73 6.75
N GLU B 256 9.09 19.00 7.90
CA GLU B 256 9.39 20.17 8.75
C GLU B 256 10.84 20.19 9.24
N LEU B 257 11.32 19.03 9.65
CA LEU B 257 12.68 18.90 10.08
C LEU B 257 13.63 19.13 8.89
N LEU B 258 13.34 18.48 7.75
CA LEU B 258 14.19 18.63 6.58
C LEU B 258 14.19 20.07 6.05
N ASN B 259 13.01 20.71 6.08
CA ASN B 259 12.93 22.12 5.75
C ASN B 259 13.66 23.04 6.74
N TYR B 260 13.56 22.69 8.01
CA TYR B 260 14.29 23.44 9.04
C TYR B 260 15.82 23.31 8.82
N ILE B 261 16.29 22.10 8.50
CA ILE B 261 17.71 21.87 8.19
C ILE B 261 18.13 22.69 6.95
N ASP B 262 17.30 22.63 5.92
CA ASP B 262 17.54 23.43 4.72
C ASP B 262 17.67 24.93 5.10
N GLU B 263 16.71 25.44 5.85
CA GLU B 263 16.64 26.87 6.07
C GLU B 263 17.68 27.41 7.06
N LYS B 264 18.03 26.62 8.07
CA LYS B 264 18.95 27.05 9.12
C LYS B 264 20.39 26.60 8.92
N PHE B 265 20.63 25.70 7.98
CA PHE B 265 21.97 25.13 7.81
C PHE B 265 22.33 25.12 6.34
N ALA B 266 21.54 24.42 5.52
CA ALA B 266 21.92 24.30 4.10
C ALA B 266 21.91 25.66 3.37
N GLN B 267 21.12 26.61 3.87
CA GLN B 267 21.00 27.94 3.28
C GLN B 267 21.76 28.99 4.09
N VAL B 268 22.48 28.53 5.11
CA VAL B 268 23.21 29.44 5.98
C VAL B 268 24.73 29.25 5.73
N LYS B 269 25.16 28.01 5.56
CA LYS B 269 26.55 27.72 5.19
C LYS B 269 26.82 28.14 3.73
N PRO B 270 28.06 28.54 3.41
CA PRO B 270 28.27 29.08 2.07
C PRO B 270 28.29 28.03 0.96
N ASP B 271 28.46 26.76 1.32
CA ASP B 271 28.92 25.77 0.36
C ASP B 271 28.29 24.40 0.53
N ILE B 272 27.04 24.33 0.96
CA ILE B 272 26.43 23.01 1.05
C ILE B 272 25.95 22.58 -0.34
N ASN B 273 26.23 21.33 -0.71
CA ASN B 273 25.85 20.79 -2.03
C ASN B 273 24.56 19.96 -2.13
N GLN B 274 24.57 18.74 -1.61
CA GLN B 274 23.40 17.86 -1.76
C GLN B 274 22.71 17.82 -0.40
N LEU B 275 21.39 17.83 -0.43
CA LEU B 275 20.63 17.59 0.78
C LEU B 275 19.56 16.60 0.40
N VAL B 276 19.58 15.43 1.03
CA VAL B 276 18.88 14.24 0.55
C VAL B 276 18.13 13.64 1.71
N MET B 277 16.91 13.17 1.46
CA MET B 277 16.23 12.36 2.47
C MET B 277 15.84 10.97 1.92
N CYS B 278 15.88 9.94 2.75
CA CYS B 278 15.30 8.66 2.34
C CYS B 278 14.00 8.49 3.12
N PRO B 279 12.86 8.27 2.42
CA PRO B 279 11.57 8.24 3.16
C PRO B 279 11.32 6.95 3.88
N THR B 280 10.30 6.93 4.76
CA THR B 280 9.92 5.72 5.45
C THR B 280 9.23 4.74 4.48
N GLU B 281 8.43 5.29 3.58
CA GLU B 281 7.89 4.50 2.48
C GLU B 281 8.86 4.75 1.35
N TYR B 282 9.69 3.77 1.01
CA TYR B 282 10.71 3.97 0.04
C TYR B 282 10.58 2.97 -1.12
N ASN B 283 9.52 2.17 -1.14
CA ASN B 283 9.20 1.40 -2.34
C ASN B 283 7.72 1.27 -2.49
N LYS B 284 7.26 0.92 -3.69
CA LYS B 284 5.80 0.92 -3.93
C LYS B 284 5.08 -0.14 -3.12
N SER B 285 5.64 -1.34 -3.04
CA SER B 285 4.87 -2.44 -2.43
C SER B 285 4.67 -2.21 -0.92
N TRP B 286 5.59 -1.52 -0.26
CA TRP B 286 5.42 -1.17 1.13
C TRP B 286 4.74 0.19 1.33
N SER B 287 4.40 0.87 0.23
CA SER B 287 3.62 2.12 0.31
CA SER B 287 3.64 2.10 0.39
C SER B 287 2.17 1.83 0.67
N ASN B 288 1.62 2.61 1.59
CA ASN B 288 0.24 2.43 2.03
C ASN B 288 -0.71 3.01 0.98
N PRO B 289 -1.50 2.15 0.28
CA PRO B 289 -2.29 2.74 -0.79
C PRO B 289 -3.36 3.68 -0.23
N ASN B 290 -3.45 4.86 -0.87
CA ASN B 290 -4.46 5.85 -0.52
C ASN B 290 -4.10 6.61 0.76
N GLY B 291 -2.88 6.38 1.24
CA GLY B 291 -2.37 7.09 2.39
C GLY B 291 -1.71 8.37 1.93
N ASN B 292 -1.55 9.32 2.82
CA ASN B 292 -1.02 10.60 2.39
C ASN B 292 0.48 10.74 2.59
N TYR B 293 1.17 9.63 2.82
CA TYR B 293 2.58 9.71 3.17
C TYR B 293 3.43 10.38 2.11
N LEU B 294 3.40 9.82 0.91
CA LEU B 294 4.31 10.28 -0.13
C LEU B 294 3.87 11.65 -0.68
N THR B 295 2.57 11.89 -0.69
CA THR B 295 2.07 13.16 -1.19
C THR B 295 2.37 14.27 -0.19
N THR B 296 2.45 13.92 1.09
CA THR B 296 2.76 14.92 2.12
C THR B 296 4.20 15.36 1.91
N LEU B 297 5.11 14.40 1.70
CA LEU B 297 6.50 14.77 1.44
C LEU B 297 6.60 15.57 0.16
N GLY B 298 6.00 15.05 -0.90
CA GLY B 298 6.08 15.74 -2.19
C GLY B 298 5.57 17.16 -2.14
N ASP B 299 4.49 17.40 -1.39
CA ASP B 299 3.95 18.73 -1.22
C ASP B 299 4.73 19.64 -0.27
N LYS B 300 5.18 19.12 0.87
CA LYS B 300 5.80 19.97 1.94
C LYS B 300 7.31 20.14 1.82
N LEU B 301 8.04 19.14 1.31
CA LEU B 301 9.51 19.24 1.26
C LEU B 301 9.98 20.31 0.28
N ASN B 302 10.92 21.16 0.73
CA ASN B 302 11.48 22.23 -0.13
C ASN B 302 11.95 21.60 -1.45
N PRO B 303 11.72 22.29 -2.57
CA PRO B 303 11.98 21.69 -3.89
C PRO B 303 13.45 21.25 -4.12
N SER B 304 14.38 21.82 -3.34
CA SER B 304 15.79 21.47 -3.52
C SER B 304 16.22 20.14 -2.83
N ILE B 305 15.31 19.59 -2.03
CA ILE B 305 15.65 18.43 -1.24
C ILE B 305 15.33 17.18 -2.09
N GLN B 306 16.28 16.26 -2.15
CA GLN B 306 16.08 14.98 -2.87
C GLN B 306 15.34 13.95 -2.03
N ILE B 307 14.59 13.12 -2.72
CA ILE B 307 13.87 12.03 -2.08
C ILE B 307 14.27 10.71 -2.75
N MET B 308 14.77 9.79 -1.92
CA MET B 308 15.28 8.50 -2.42
C MET B 308 14.16 7.47 -2.56
N TRP B 309 14.37 6.47 -3.39
CA TRP B 309 13.33 5.49 -3.72
C TRP B 309 14.04 4.24 -4.22
N THR B 310 13.59 3.07 -3.80
CA THR B 310 14.26 1.82 -4.22
C THR B 310 13.49 1.07 -5.33
N GLY B 311 12.31 1.61 -5.74
CA GLY B 311 11.59 1.05 -6.91
C GLY B 311 10.26 0.45 -6.46
N ASP B 312 9.83 -0.59 -7.16
CA ASP B 312 8.49 -1.14 -6.94
C ASP B 312 8.52 -2.01 -5.67
N ARG B 313 9.71 -2.40 -5.24
CA ARG B 313 9.88 -3.25 -4.07
C ARG B 313 11.16 -2.90 -3.38
N VAL B 314 11.34 -3.41 -2.17
CA VAL B 314 12.63 -3.25 -1.49
C VAL B 314 13.79 -3.57 -2.42
N ILE B 315 13.76 -4.73 -3.09
CA ILE B 315 14.85 -5.03 -4.04
C ILE B 315 14.17 -5.08 -5.39
N SER B 316 14.54 -4.15 -6.27
CA SER B 316 13.85 -4.19 -7.57
C SER B 316 14.57 -3.43 -8.61
N ASP B 317 14.26 -3.74 -9.86
CA ASP B 317 14.96 -3.02 -10.93
C ASP B 317 14.05 -1.86 -11.34
N ILE B 318 14.64 -0.77 -11.79
CA ILE B 318 13.91 0.45 -12.03
C ILE B 318 13.31 0.52 -13.44
N THR B 319 12.00 0.66 -13.48
CA THR B 319 11.26 0.68 -14.76
C THR B 319 10.66 2.06 -15.02
N ARG B 320 10.24 2.27 -16.28
CA ARG B 320 9.63 3.53 -16.65
C ARG B 320 8.28 3.73 -15.90
N ASP B 321 7.44 2.69 -15.90
CA ASP B 321 6.23 2.69 -15.11
C ASP B 321 6.50 2.96 -13.61
N GLY B 322 7.51 2.32 -13.04
CA GLY B 322 7.77 2.45 -11.61
C GLY B 322 8.22 3.85 -11.20
N ILE B 323 9.12 4.45 -11.98
CA ILE B 323 9.62 5.79 -11.69
C ILE B 323 8.58 6.86 -11.98
N SER B 324 7.63 6.54 -12.84
CA SER B 324 6.57 7.47 -13.18
C SER B 324 5.57 7.54 -11.99
N TRP B 325 5.29 6.36 -11.47
CA TRP B 325 4.48 6.22 -10.28
C TRP B 325 5.07 7.03 -9.10
N ILE B 326 6.34 6.89 -8.77
CA ILE B 326 6.87 7.69 -7.65
C ILE B 326 6.91 9.21 -7.94
N ASN B 327 7.41 9.58 -9.12
CA ASN B 327 7.59 10.99 -9.51
C ASN B 327 6.32 11.85 -9.40
N GLU B 328 5.19 11.29 -9.79
CA GLU B 328 3.95 12.04 -9.73
C GLU B 328 3.53 12.34 -8.30
N ARG B 329 4.09 11.59 -7.35
CA ARG B 329 3.65 11.73 -5.95
C ARG B 329 4.62 12.62 -5.18
N ILE B 330 5.90 12.45 -5.41
CA ILE B 330 6.91 13.30 -4.77
C ILE B 330 7.16 14.61 -5.51
N LYS B 331 6.58 14.75 -6.69
CA LYS B 331 6.57 16.01 -7.47
C LYS B 331 7.98 16.48 -7.80
N ARG B 332 8.89 15.54 -8.00
CA ARG B 332 10.27 15.81 -8.46
C ARG B 332 10.84 14.46 -8.95
N PRO B 333 12.00 14.48 -9.64
CA PRO B 333 12.59 13.23 -10.09
C PRO B 333 13.20 12.47 -8.89
N ALA B 334 12.83 11.19 -8.73
CA ALA B 334 13.33 10.33 -7.66
C ALA B 334 14.84 10.20 -7.73
N TYR B 335 15.44 10.08 -6.57
CA TYR B 335 16.85 9.79 -6.44
C TYR B 335 16.90 8.29 -6.09
N ILE B 336 17.30 7.46 -7.06
CA ILE B 336 17.23 5.99 -6.92
C ILE B 336 18.25 5.43 -5.94
N TRP B 337 17.77 4.68 -4.95
CA TRP B 337 18.60 3.85 -4.08
C TRP B 337 18.39 2.43 -4.60
N TRP B 338 19.37 1.88 -5.34
CA TRP B 338 19.19 0.56 -5.96
C TRP B 338 19.78 -0.55 -5.10
N ASN B 339 18.92 -1.46 -4.63
CA ASN B 339 19.40 -2.51 -3.71
C ASN B 339 20.06 -3.73 -4.37
N PHE B 340 21.20 -3.48 -5.01
CA PHE B 340 22.01 -4.53 -5.63
C PHE B 340 23.38 -3.87 -5.77
N PRO B 341 24.48 -4.59 -5.41
CA PRO B 341 24.53 -6.02 -5.02
C PRO B 341 24.38 -6.32 -3.53
N VAL B 342 23.84 -5.36 -2.75
CA VAL B 342 23.68 -5.61 -1.31
C VAL B 342 23.22 -7.06 -1.01
N SER B 343 23.86 -7.73 -0.03
CA SER B 343 23.54 -9.15 0.24
C SER B 343 23.16 -9.34 1.70
N ASP B 344 22.76 -8.26 2.36
CA ASP B 344 22.70 -8.28 3.79
C ASP B 344 21.51 -9.14 4.29
N TYR B 345 20.69 -9.63 3.35
CA TYR B 345 19.53 -10.51 3.68
C TYR B 345 19.71 -11.98 3.13
N VAL B 346 20.82 -12.14 2.40
CA VAL B 346 21.30 -13.43 1.88
C VAL B 346 22.83 -13.51 2.11
N ARG B 347 23.23 -13.31 3.37
CA ARG B 347 24.66 -13.10 3.72
C ARG B 347 25.60 -14.27 3.43
N ASP B 348 25.05 -15.47 3.20
CA ASP B 348 25.83 -16.65 2.79
C ASP B 348 26.16 -16.69 1.27
N HIS B 349 25.68 -15.69 0.52
CA HIS B 349 25.93 -15.56 -0.93
C HIS B 349 26.76 -14.35 -1.27
N LEU B 350 27.64 -14.53 -2.25
CA LEU B 350 28.23 -13.40 -2.94
C LEU B 350 27.40 -13.11 -4.21
N LEU B 351 27.18 -11.83 -4.55
CA LEU B 351 26.42 -11.43 -5.76
C LEU B 351 27.34 -10.74 -6.75
N LEU B 352 27.96 -11.54 -7.61
CA LEU B 352 29.06 -11.07 -8.42
C LEU B 352 28.63 -10.98 -9.91
N GLY B 353 27.36 -11.15 -10.18
CA GLY B 353 26.91 -11.14 -11.55
C GLY B 353 26.84 -9.74 -12.16
N PRO B 354 26.39 -9.67 -13.43
CA PRO B 354 26.21 -8.40 -14.09
C PRO B 354 25.10 -7.53 -13.51
N VAL B 355 25.20 -6.24 -13.78
CA VAL B 355 24.16 -5.30 -13.43
C VAL B 355 23.14 -5.22 -14.58
N TYR B 356 21.88 -5.67 -14.37
CA TYR B 356 20.91 -5.52 -15.46
C TYR B 356 19.50 -5.33 -14.92
N GLY B 357 18.55 -5.01 -15.81
CA GLY B 357 17.14 -5.01 -15.45
C GLY B 357 16.56 -3.61 -15.31
N ASN B 358 17.42 -2.59 -15.28
CA ASN B 358 17.02 -1.20 -15.15
C ASN B 358 16.80 -0.58 -16.52
N ASP B 359 15.66 0.10 -16.71
CA ASP B 359 15.36 0.76 -18.00
C ASP B 359 16.47 1.78 -18.38
N THR B 360 16.89 1.75 -19.64
CA THR B 360 18.02 2.56 -20.09
C THR B 360 17.58 3.86 -20.79
N THR B 361 16.28 4.20 -20.73
CA THR B 361 15.74 5.37 -21.46
C THR B 361 15.13 6.43 -20.48
N ILE B 362 15.33 6.24 -19.18
CA ILE B 362 14.63 7.04 -18.16
C ILE B 362 15.56 7.97 -17.37
N ALA B 363 16.75 8.26 -17.92
CA ALA B 363 17.68 9.18 -17.27
C ALA B 363 17.02 10.54 -16.88
N LYS B 364 16.11 11.09 -17.70
CA LYS B 364 15.43 12.35 -17.35
C LYS B 364 14.49 12.22 -16.18
N GLU B 365 14.09 11.00 -15.82
CA GLU B 365 13.10 10.80 -14.75
C GLU B 365 13.73 10.58 -13.38
N MET B 366 15.07 10.55 -13.31
CA MET B 366 15.74 10.38 -11.99
C MET B 366 16.75 11.50 -11.67
N SER B 367 16.81 11.89 -10.40
CA SER B 367 17.79 12.94 -9.95
C SER B 367 19.15 12.33 -9.66
N GLY B 368 19.14 11.05 -9.35
CA GLY B 368 20.31 10.36 -8.90
C GLY B 368 20.10 8.89 -8.99
N PHE B 369 21.22 8.17 -9.06
CA PHE B 369 21.15 6.71 -9.08
C PHE B 369 22.30 6.21 -8.22
N VAL B 370 22.00 5.58 -7.11
CA VAL B 370 23.03 5.01 -6.25
C VAL B 370 22.84 3.52 -5.96
N THR B 371 23.95 2.80 -5.88
CA THR B 371 23.91 1.39 -5.55
C THR B 371 24.30 1.15 -4.10
N ASN B 372 23.49 0.35 -3.43
CA ASN B 372 23.76 -0.14 -2.11
C ASN B 372 24.48 -1.47 -2.22
N PRO B 373 25.76 -1.52 -1.85
CA PRO B 373 26.56 -2.71 -2.19
C PRO B 373 26.67 -3.74 -1.06
N MET B 374 27.53 -4.76 -1.24
CA MET B 374 27.71 -5.81 -0.23
C MET B 374 28.63 -5.25 0.87
N GLU B 375 28.57 -5.81 2.06
CA GLU B 375 29.53 -5.52 3.10
C GLU B 375 30.93 -5.95 2.60
N HIS B 376 31.00 -6.75 1.53
CA HIS B 376 32.31 -7.02 0.83
C HIS B 376 32.60 -5.96 -0.19
N ALA B 377 33.48 -5.05 0.20
CA ALA B 377 33.75 -3.80 -0.53
C ALA B 377 34.46 -4.01 -1.87
N GLU B 378 35.58 -4.72 -1.90
CA GLU B 378 36.21 -4.96 -3.19
C GLU B 378 35.33 -5.77 -4.12
N SER B 379 34.63 -6.78 -3.59
CA SER B 379 33.75 -7.69 -4.41
C SER B 379 32.60 -6.94 -5.08
N SER B 380 32.18 -5.84 -4.45
CA SER B 380 31.10 -4.96 -4.91
C SER B 380 31.56 -4.10 -6.12
N LYS B 381 32.86 -4.03 -6.35
CA LYS B 381 33.36 -3.16 -7.43
C LYS B 381 32.90 -3.62 -8.82
N ILE B 382 32.60 -4.92 -8.99
CA ILE B 382 32.04 -5.38 -10.26
C ILE B 382 30.73 -4.64 -10.60
N ALA B 383 29.81 -4.65 -9.66
CA ALA B 383 28.54 -3.96 -9.89
C ALA B 383 28.71 -2.43 -9.88
N ILE B 384 29.58 -1.94 -8.99
CA ILE B 384 29.80 -0.49 -8.88
C ILE B 384 30.29 0.08 -10.18
N TYR B 385 31.23 -0.61 -10.80
CA TYR B 385 31.79 -0.16 -12.07
C TYR B 385 30.65 -0.16 -13.10
N SER B 386 29.79 -1.17 -13.03
CA SER B 386 28.71 -1.34 -14.02
C SER B 386 27.64 -0.24 -13.84
N VAL B 387 27.33 0.08 -12.58
CA VAL B 387 26.36 1.11 -12.26
C VAL B 387 26.92 2.47 -12.68
N ALA B 388 28.23 2.67 -12.51
CA ALA B 388 28.85 3.94 -12.93
C ALA B 388 28.65 4.10 -14.42
N SER B 389 28.82 2.98 -15.16
CA SER B 389 28.69 2.99 -16.60
C SER B 389 27.22 3.24 -16.99
N TYR B 390 26.30 2.54 -16.35
CA TYR B 390 24.88 2.71 -16.66
C TYR B 390 24.38 4.16 -16.37
N ALA B 391 24.78 4.71 -15.23
CA ALA B 391 24.30 6.02 -14.80
C ALA B 391 24.88 7.18 -15.68
N TRP B 392 26.11 7.03 -16.18
CA TRP B 392 26.73 8.04 -17.01
C TRP B 392 26.11 8.00 -18.43
N ASN B 393 26.07 6.82 -19.04
CA ASN B 393 25.53 6.67 -20.40
C ASN B 393 24.56 5.48 -20.51
N PRO B 394 23.33 5.64 -20.00
CA PRO B 394 22.45 4.49 -20.04
C PRO B 394 22.08 4.05 -21.46
N ALA B 395 22.04 4.99 -22.43
CA ALA B 395 21.63 4.67 -23.80
C ALA B 395 22.57 3.67 -24.43
N LYS B 396 23.83 3.68 -24.01
CA LYS B 396 24.87 2.80 -24.56
C LYS B 396 25.18 1.69 -23.54
N TYR B 397 24.35 1.53 -22.52
CA TYR B 397 24.71 0.57 -21.47
C TYR B 397 24.65 -0.89 -22.01
N ASP B 398 25.76 -1.62 -21.85
CA ASP B 398 25.95 -2.99 -22.37
C ASP B 398 26.26 -3.84 -21.16
N THR B 399 25.24 -4.54 -20.66
CA THR B 399 25.36 -5.31 -19.41
C THR B 399 26.58 -6.23 -19.36
N TRP B 400 26.69 -7.11 -20.37
CA TRP B 400 27.70 -8.16 -20.37
C TRP B 400 29.08 -7.62 -20.61
N GLN B 401 29.23 -6.69 -21.56
CA GLN B 401 30.61 -6.17 -21.89
C GLN B 401 31.15 -5.38 -20.70
N THR B 402 30.27 -4.71 -19.97
CA THR B 402 30.68 -3.89 -18.84
C THR B 402 31.06 -4.75 -17.64
N TRP B 403 30.30 -5.81 -17.40
CA TRP B 403 30.66 -6.86 -16.40
C TRP B 403 32.08 -7.43 -16.67
N LYS B 404 32.33 -7.86 -17.90
CA LYS B 404 33.66 -8.30 -18.31
C LYS B 404 34.71 -7.17 -18.17
N ASP B 405 34.39 -5.98 -18.64
CA ASP B 405 35.29 -4.81 -18.42
C ASP B 405 35.65 -4.54 -16.93
N ALA B 406 34.67 -4.63 -16.06
CA ALA B 406 34.83 -4.42 -14.62
C ALA B 406 35.81 -5.43 -14.04
N ILE B 407 35.62 -6.68 -14.43
CA ILE B 407 36.47 -7.77 -13.95
C ILE B 407 37.92 -7.60 -14.41
N ARG B 408 38.10 -7.21 -15.65
CA ARG B 408 39.43 -7.04 -16.18
C ARG B 408 40.13 -5.84 -15.53
N THR B 409 39.36 -4.83 -15.13
CA THR B 409 39.90 -3.64 -14.44
C THR B 409 40.31 -4.01 -13.01
N ILE B 410 39.44 -4.72 -12.34
CA ILE B 410 39.64 -5.10 -10.95
C ILE B 410 40.75 -6.15 -10.80
N LEU B 411 40.82 -7.11 -11.71
CA LEU B 411 41.88 -8.12 -11.55
C LEU B 411 42.50 -8.50 -12.86
N PRO B 412 43.28 -7.57 -13.46
CA PRO B 412 43.82 -7.85 -14.81
C PRO B 412 44.56 -9.17 -14.89
N SER B 413 45.28 -9.54 -13.83
CA SER B 413 46.19 -10.72 -13.92
C SER B 413 45.38 -12.02 -13.84
N ALA B 414 44.13 -11.99 -13.43
CA ALA B 414 43.33 -13.22 -13.37
C ALA B 414 41.88 -13.02 -13.80
N ALA B 415 41.70 -12.21 -14.85
CA ALA B 415 40.37 -11.79 -15.26
C ALA B 415 39.47 -12.99 -15.63
N GLU B 416 39.98 -13.92 -16.44
CA GLU B 416 39.21 -15.08 -16.84
C GLU B 416 38.79 -15.98 -15.66
N GLU B 417 39.65 -16.08 -14.65
CA GLU B 417 39.41 -16.91 -13.47
C GLU B 417 38.35 -16.24 -12.65
N LEU B 418 38.43 -14.90 -12.51
CA LEU B 418 37.36 -14.16 -11.78
C LEU B 418 36.02 -14.20 -12.52
N GLU B 419 36.05 -14.13 -13.85
CA GLU B 419 34.76 -14.30 -14.59
C GLU B 419 34.14 -15.65 -14.30
N CYS B 420 34.97 -16.68 -14.30
CA CYS B 420 34.50 -18.06 -14.07
C CYS B 420 33.88 -18.11 -12.66
N PHE B 421 34.61 -17.63 -11.65
CA PHE B 421 34.08 -17.58 -10.29
C PHE B 421 32.76 -16.75 -10.20
N ALA B 422 32.78 -15.54 -10.77
CA ALA B 422 31.63 -14.63 -10.76
C ALA B 422 30.38 -15.21 -11.47
N MET B 423 30.58 -15.85 -12.62
CA MET B 423 29.39 -16.36 -13.34
CA MET B 423 29.49 -16.51 -13.44
C MET B 423 28.64 -17.51 -12.64
N HIS B 424 29.29 -18.17 -11.69
CA HIS B 424 28.61 -19.16 -10.88
C HIS B 424 28.39 -18.68 -9.43
N ASN B 425 28.54 -17.38 -9.21
CA ASN B 425 28.24 -16.77 -7.93
C ASN B 425 27.45 -15.46 -8.12
N SER B 426 26.19 -15.59 -8.53
CA SER B 426 25.38 -14.50 -9.12
C SER B 426 24.01 -14.48 -8.49
N ASP B 427 23.43 -15.68 -8.31
CA ASP B 427 22.08 -15.78 -7.77
C ASP B 427 22.09 -15.63 -6.23
N LEU B 428 20.91 -15.30 -5.70
CA LEU B 428 20.72 -15.09 -4.29
C LEU B 428 20.15 -16.29 -3.53
N GLY B 429 19.60 -17.26 -4.26
CA GLY B 429 18.85 -18.31 -3.60
C GLY B 429 17.48 -17.77 -3.22
N PRO B 430 16.56 -18.68 -2.81
CA PRO B 430 15.24 -18.21 -2.35
C PRO B 430 15.41 -17.26 -1.17
N ASN B 431 14.59 -16.22 -1.14
CA ASN B 431 14.68 -15.20 -0.09
C ASN B 431 13.32 -14.52 0.07
N GLY B 432 13.13 -13.82 1.20
CA GLY B 432 11.82 -13.18 1.51
C GLY B 432 11.53 -11.97 0.62
N HIS B 433 12.53 -11.46 -0.09
CA HIS B 433 12.33 -10.40 -1.05
C HIS B 433 11.99 -10.87 -2.42
N GLY B 434 11.98 -12.19 -2.63
CA GLY B 434 11.65 -12.80 -3.93
C GLY B 434 12.54 -12.30 -5.06
N TYR B 435 13.75 -11.89 -4.75
CA TYR B 435 14.64 -11.36 -5.80
C TYR B 435 15.72 -12.37 -6.18
N ARG B 436 15.93 -12.54 -7.49
CA ARG B 436 16.81 -13.57 -8.05
C ARG B 436 17.60 -13.02 -9.22
N ARG B 437 18.77 -13.59 -9.49
CA ARG B 437 19.53 -13.24 -10.68
C ARG B 437 19.84 -14.54 -11.43
N GLU B 438 20.09 -14.43 -12.74
CA GLU B 438 20.51 -15.60 -13.55
C GLU B 438 21.93 -16.04 -13.13
N GLU B 439 22.26 -17.30 -13.34
CA GLU B 439 23.58 -17.83 -12.96
C GLU B 439 23.85 -19.05 -13.77
N SER B 440 25.11 -19.25 -14.17
CA SER B 440 25.54 -20.50 -14.83
C SER B 440 24.70 -20.76 -16.11
N MET B 441 24.28 -19.68 -16.77
CA MET B 441 23.41 -19.84 -17.94
C MET B 441 24.02 -20.63 -19.10
N ASP B 442 25.33 -20.45 -19.35
CA ASP B 442 26.02 -21.16 -20.44
C ASP B 442 25.93 -22.69 -20.32
N ILE B 443 26.11 -23.25 -19.13
CA ILE B 443 26.07 -24.71 -19.00
C ILE B 443 24.70 -25.26 -18.72
N GLN B 444 23.74 -24.38 -18.45
CA GLN B 444 22.39 -24.78 -18.02
C GLN B 444 21.74 -25.79 -18.96
N PRO B 445 21.88 -25.60 -20.30
CA PRO B 445 21.24 -26.55 -21.21
C PRO B 445 21.84 -27.95 -21.16
N ALA B 446 23.16 -28.05 -21.15
CA ALA B 446 23.83 -29.35 -21.09
C ALA B 446 23.43 -30.05 -19.78
N ALA B 447 23.32 -29.27 -18.70
CA ALA B 447 22.93 -29.79 -17.40
C ALA B 447 21.53 -30.38 -17.41
N GLU B 448 20.54 -29.61 -17.86
CA GLU B 448 19.15 -30.11 -17.91
C GLU B 448 18.97 -31.34 -18.80
N ARG B 449 19.68 -31.39 -19.93
CA ARG B 449 19.63 -32.53 -20.85
C ARG B 449 20.30 -33.79 -20.28
N PHE B 450 21.39 -33.57 -19.55
CA PHE B 450 22.16 -34.70 -19.03
C PHE B 450 21.29 -35.34 -17.96
N LEU B 451 20.74 -34.51 -17.11
CA LEU B 451 19.91 -34.94 -16.00
C LEU B 451 18.61 -35.63 -16.46
N LYS B 452 17.97 -35.10 -17.51
CA LYS B 452 16.81 -35.76 -18.14
C LYS B 452 17.11 -37.18 -18.60
N ALA B 453 17.98 -37.32 -19.60
CA ALA B 453 18.46 -38.60 -20.10
C ALA B 453 18.80 -39.61 -19.00
N PHE B 454 19.49 -39.12 -17.96
CA PHE B 454 20.00 -39.96 -16.88
C PHE B 454 18.84 -40.53 -16.07
N LYS B 455 17.92 -39.66 -15.63
CA LYS B 455 16.77 -40.12 -14.85
C LYS B 455 15.75 -41.02 -15.57
N GLU B 456 15.92 -41.22 -16.89
CA GLU B 456 15.02 -42.10 -17.67
C GLU B 456 15.70 -43.35 -18.24
N GLY B 457 17.01 -43.49 -18.03
CA GLY B 457 17.74 -44.63 -18.59
C GLY B 457 18.01 -44.51 -20.09
N LYS B 458 18.01 -43.27 -20.58
CA LYS B 458 18.48 -42.93 -21.92
C LYS B 458 19.95 -42.59 -21.84
N ASN B 459 20.71 -42.94 -22.87
CA ASN B 459 22.14 -42.61 -22.94
C ASN B 459 22.25 -41.09 -23.07
N TYR B 460 23.02 -40.46 -22.20
CA TYR B 460 23.18 -39.01 -22.31
C TYR B 460 24.14 -38.71 -23.45
N ASP B 461 24.17 -37.45 -23.91
CA ASP B 461 25.11 -37.06 -24.95
C ASP B 461 26.51 -36.92 -24.38
N LYS B 462 27.45 -37.62 -25.01
CA LYS B 462 28.83 -37.52 -24.62
C LYS B 462 29.22 -36.02 -24.47
N ALA B 463 28.78 -35.17 -25.40
CA ALA B 463 29.17 -33.76 -25.41
C ALA B 463 28.73 -33.02 -24.14
N ASP B 464 27.53 -33.34 -23.65
CA ASP B 464 27.05 -32.75 -22.40
C ASP B 464 27.83 -33.20 -21.18
N PHE B 465 28.12 -34.50 -21.11
CA PHE B 465 29.02 -35.04 -20.11
C PHE B 465 30.35 -34.27 -20.09
N GLU B 466 31.01 -34.18 -21.24
CA GLU B 466 32.25 -33.41 -21.41
C GLU B 466 32.11 -31.93 -21.06
N THR B 467 30.97 -31.31 -21.37
CA THR B 467 30.77 -29.91 -21.02
C THR B 467 30.85 -29.74 -19.52
N LEU B 468 30.17 -30.63 -18.78
CA LEU B 468 30.19 -30.56 -17.33
C LEU B 468 31.58 -30.81 -16.78
N GLN B 469 32.25 -31.83 -17.30
CA GLN B 469 33.60 -32.16 -16.93
C GLN B 469 34.52 -30.95 -17.16
N TYR B 470 34.43 -30.33 -18.35
CA TYR B 470 35.13 -29.08 -18.68
C TYR B 470 34.91 -27.95 -17.65
N THR B 471 33.65 -27.78 -17.25
CA THR B 471 33.25 -26.73 -16.30
C THR B 471 33.87 -26.97 -14.93
N PHE B 472 33.83 -28.23 -14.46
CA PHE B 472 34.41 -28.52 -13.13
C PHE B 472 35.92 -28.30 -13.10
N GLU B 473 36.57 -28.70 -14.18
CA GLU B 473 37.99 -28.48 -14.37
C GLU B 473 38.37 -27.00 -14.35
N ARG B 474 37.65 -26.20 -15.12
CA ARG B 474 37.81 -24.77 -15.13
C ARG B 474 37.58 -24.07 -13.75
N MET B 475 36.57 -24.52 -13.03
CA MET B 475 36.29 -24.05 -11.72
C MET B 475 37.49 -24.30 -10.77
N LYS B 476 38.12 -25.47 -10.90
CA LYS B 476 39.24 -25.80 -10.01
C LYS B 476 40.42 -24.92 -10.33
N GLU B 477 40.72 -24.76 -11.61
CA GLU B 477 41.79 -23.84 -12.04
C GLU B 477 41.56 -22.43 -11.48
N SER B 478 40.33 -21.95 -11.64
CA SER B 478 39.95 -20.59 -11.20
C SER B 478 40.05 -20.42 -9.67
N ALA B 479 39.47 -21.36 -8.91
CA ALA B 479 39.61 -21.31 -7.44
C ALA B 479 41.10 -21.24 -6.98
N ASP B 480 41.96 -22.10 -7.52
CA ASP B 480 43.33 -22.19 -7.02
C ASP B 480 44.15 -20.97 -7.42
N ILE B 481 43.87 -20.43 -8.61
CA ILE B 481 44.53 -19.22 -9.06
C ILE B 481 44.03 -17.99 -8.27
N LEU B 482 42.72 -17.90 -8.01
CA LEU B 482 42.23 -16.79 -7.19
C LEU B 482 42.86 -16.77 -5.77
N LEU B 483 42.97 -17.94 -5.15
CA LEU B 483 43.48 -17.99 -3.76
C LEU B 483 44.82 -17.36 -3.63
N MET B 484 45.65 -17.56 -4.65
CA MET B 484 47.01 -17.16 -4.59
C MET B 484 47.26 -15.85 -5.28
N ASN B 485 46.21 -15.19 -5.74
CA ASN B 485 46.42 -13.91 -6.42
C ASN B 485 46.84 -12.83 -5.39
N THR B 486 47.88 -12.06 -5.73
CA THR B 486 48.39 -10.95 -4.89
C THR B 486 48.19 -9.55 -5.51
N GLU B 487 47.46 -9.44 -6.61
CA GLU B 487 47.23 -8.13 -7.23
C GLU B 487 46.17 -7.34 -6.43
N ASN B 488 45.16 -8.05 -5.95
CA ASN B 488 44.18 -7.43 -5.10
C ASN B 488 43.96 -8.33 -3.87
N LYS B 489 44.85 -8.21 -2.90
CA LYS B 489 44.76 -9.02 -1.70
C LYS B 489 43.42 -8.85 -0.97
N PRO B 490 43.00 -7.61 -0.78
CA PRO B 490 41.74 -7.35 -0.06
C PRO B 490 40.61 -8.13 -0.71
N LEU B 491 40.55 -8.09 -2.03
CA LEU B 491 39.53 -8.82 -2.76
C LEU B 491 39.60 -10.31 -2.43
N ILE B 492 40.79 -10.88 -2.54
CA ILE B 492 40.96 -12.32 -2.33
C ILE B 492 40.60 -12.68 -0.87
N VAL B 493 41.01 -11.83 0.08
CA VAL B 493 40.59 -12.02 1.47
C VAL B 493 39.06 -12.09 1.62
N GLU B 494 38.32 -11.17 1.00
CA GLU B 494 36.86 -11.19 1.07
C GLU B 494 36.27 -12.50 0.51
N ILE B 495 36.75 -12.91 -0.66
CA ILE B 495 36.13 -14.06 -1.34
C ILE B 495 36.63 -15.45 -0.91
N THR B 496 37.67 -15.51 -0.08
CA THR B 496 38.42 -16.75 0.09
C THR B 496 37.53 -17.91 0.56
N PRO B 497 36.64 -17.67 1.55
CA PRO B 497 35.78 -18.78 2.01
C PRO B 497 34.91 -19.38 0.90
N TRP B 498 34.30 -18.51 0.07
CA TRP B 498 33.52 -18.94 -1.14
C TRP B 498 34.37 -19.66 -2.18
N VAL B 499 35.57 -19.15 -2.37
CA VAL B 499 36.49 -19.85 -3.26
C VAL B 499 36.80 -21.30 -2.80
N HIS B 500 37.12 -21.49 -1.52
CA HIS B 500 37.29 -22.83 -0.98
C HIS B 500 36.08 -23.69 -1.26
N GLN B 501 34.90 -23.19 -0.96
CA GLN B 501 33.63 -23.88 -1.21
C GLN B 501 33.36 -24.22 -2.70
N PHE B 502 33.66 -23.26 -3.55
CA PHE B 502 33.54 -23.36 -5.01
C PHE B 502 34.47 -24.47 -5.50
N LYS B 503 35.68 -24.54 -4.96
CA LYS B 503 36.61 -25.60 -5.38
C LYS B 503 36.09 -26.98 -4.92
N LEU B 504 35.58 -27.01 -3.70
CA LEU B 504 35.01 -28.26 -3.19
C LEU B 504 33.85 -28.72 -4.07
N THR B 505 33.00 -27.77 -4.48
CA THR B 505 31.86 -28.06 -5.33
C THR B 505 32.36 -28.71 -6.64
N ALA B 506 33.36 -28.10 -7.25
CA ALA B 506 33.90 -28.65 -8.48
C ALA B 506 34.44 -30.10 -8.30
N GLU B 507 35.19 -30.35 -7.21
CA GLU B 507 35.79 -31.69 -7.01
C GLU B 507 34.67 -32.68 -6.82
N MET B 508 33.62 -32.26 -6.11
CA MET B 508 32.47 -33.14 -5.90
C MET B 508 31.85 -33.45 -7.25
N GLY B 509 31.78 -32.45 -8.13
CA GLY B 509 31.27 -32.64 -9.48
C GLY B 509 32.03 -33.69 -10.28
N GLU B 510 33.36 -33.57 -10.31
CA GLU B 510 34.24 -34.55 -10.95
C GLU B 510 34.06 -35.99 -10.44
N GLU B 511 33.93 -36.13 -9.13
CA GLU B 511 33.81 -37.44 -8.51
C GLU B 511 32.46 -38.10 -8.83
N VAL B 512 31.40 -37.29 -8.80
CA VAL B 512 30.05 -37.77 -9.13
C VAL B 512 30.00 -38.22 -10.59
N LEU B 513 30.63 -37.46 -11.46
CA LEU B 513 30.68 -37.87 -12.87
C LEU B 513 31.45 -39.19 -13.05
N LYS B 514 32.46 -39.41 -12.20
CA LYS B 514 33.22 -40.66 -12.23
C LYS B 514 32.34 -41.79 -11.75
N MET B 515 31.41 -41.49 -10.83
CA MET B 515 30.42 -42.47 -10.38
C MET B 515 29.42 -42.84 -11.50
N VAL B 516 29.00 -41.84 -12.27
CA VAL B 516 28.16 -42.06 -13.48
C VAL B 516 28.88 -42.97 -14.48
N GLU B 517 30.17 -42.72 -14.69
CA GLU B 517 30.99 -43.61 -15.50
C GLU B 517 31.21 -44.93 -14.79
N ASN B 520 33.46 -50.51 -12.33
CA ASN B 520 33.29 -51.66 -11.48
C ASN B 520 32.80 -51.26 -10.11
N GLU B 521 32.40 -52.27 -9.33
CA GLU B 521 31.80 -52.06 -8.05
C GLU B 521 32.75 -51.34 -7.07
N SER B 522 34.02 -51.75 -7.02
CA SER B 522 34.93 -51.13 -6.06
C SER B 522 35.41 -49.70 -6.42
N TYR B 523 35.56 -49.41 -7.72
CA TYR B 523 35.80 -48.04 -8.17
C TYR B 523 34.61 -47.16 -7.79
N PHE B 524 33.39 -47.64 -8.05
CA PHE B 524 32.23 -46.88 -7.63
C PHE B 524 32.34 -46.47 -6.14
N LEU B 525 32.57 -47.45 -5.27
CA LEU B 525 32.60 -47.19 -3.82
C LEU B 525 33.68 -46.20 -3.42
N ARG B 526 34.85 -46.26 -4.06
CA ARG B 526 35.90 -45.28 -3.82
C ARG B 526 35.41 -43.88 -4.09
N LYS B 527 34.75 -43.70 -5.25
CA LYS B 527 34.20 -42.42 -5.62
C LYS B 527 33.11 -42.01 -4.64
N TYR B 528 32.22 -42.95 -4.30
CA TYR B 528 31.18 -42.64 -3.31
C TYR B 528 31.79 -42.15 -1.98
N ASN B 529 32.82 -42.85 -1.49
CA ASN B 529 33.47 -42.46 -0.22
C ASN B 529 34.16 -41.09 -0.33
N HIS B 530 34.79 -40.82 -1.49
CA HIS B 530 35.39 -39.52 -1.73
C HIS B 530 34.32 -38.43 -1.70
N VAL B 531 33.18 -38.65 -2.36
CA VAL B 531 32.06 -37.70 -2.31
C VAL B 531 31.53 -37.42 -0.91
N LYS B 532 31.29 -38.45 -0.11
CA LYS B 532 30.84 -38.23 1.27
C LYS B 532 31.78 -37.36 2.10
N ALA B 533 33.08 -37.54 1.89
CA ALA B 533 34.13 -36.75 2.56
C ALA B 533 34.12 -35.30 2.09
N LEU B 534 34.02 -35.09 0.77
CA LEU B 534 33.80 -33.73 0.23
C LEU B 534 32.53 -33.04 0.80
N GLN B 535 31.44 -33.78 0.96
CA GLN B 535 30.25 -33.22 1.60
C GLN B 535 30.54 -32.82 3.04
N GLN B 536 31.37 -33.59 3.73
CA GLN B 536 31.65 -33.23 5.11
C GLN B 536 32.48 -31.99 5.14
N GLN B 537 33.42 -31.87 4.20
CA GLN B 537 34.22 -30.67 4.16
C GLN B 537 33.41 -29.41 3.86
N MET B 538 32.40 -29.55 2.99
CA MET B 538 31.56 -28.40 2.65
C MET B 538 30.77 -27.98 3.86
N PHE B 539 30.34 -28.98 4.63
CA PHE B 539 29.67 -28.69 5.87
C PHE B 539 30.57 -27.92 6.84
N TYR B 540 31.84 -28.33 6.91
CA TYR B 540 32.82 -27.69 7.80
C TYR B 540 33.02 -26.22 7.48
N ILE B 541 33.24 -25.90 6.21
CA ILE B 541 33.27 -24.50 5.79
C ILE B 541 31.96 -23.76 6.15
N ASP B 542 30.81 -24.38 5.89
CA ASP B 542 29.50 -23.73 6.10
C ASP B 542 29.25 -23.43 7.57
N GLN B 543 29.95 -24.15 8.46
CA GLN B 543 29.77 -23.99 9.88
C GLN B 543 30.86 -23.18 10.53
N THR B 544 31.96 -22.93 9.83
CA THR B 544 33.07 -22.23 10.46
C THR B 544 33.41 -20.87 9.81
N SER B 545 33.04 -20.67 8.54
CA SER B 545 33.26 -19.36 7.90
C SER B 545 31.97 -18.54 7.89
N ASN B 546 32.11 -17.20 7.90
CA ASN B 546 30.97 -16.31 7.75
C ASN B 546 29.85 -16.56 8.75
N GLN B 547 30.21 -16.75 10.01
CA GLN B 547 29.21 -17.10 11.02
C GLN B 547 28.48 -15.87 11.60
N ASN B 548 27.73 -15.17 10.76
CA ASN B 548 26.87 -14.07 11.22
C ASN B 548 25.57 -14.63 11.79
N PRO B 549 24.75 -13.82 12.51
CA PRO B 549 23.52 -14.29 13.12
C PRO B 549 22.34 -14.57 12.19
N TYR B 550 22.43 -14.16 10.94
CA TYR B 550 21.24 -14.12 10.07
C TYR B 550 21.20 -15.25 9.01
N GLN B 551 22.19 -15.27 8.11
CA GLN B 551 22.34 -16.35 7.17
C GLN B 551 23.83 -16.76 7.24
N PRO B 552 24.20 -17.59 8.27
CA PRO B 552 25.61 -17.99 8.45
C PRO B 552 26.04 -18.89 7.33
N GLY B 553 27.33 -18.92 7.06
CA GLY B 553 27.84 -19.92 6.18
C GLY B 553 28.18 -19.41 4.78
N VAL B 554 28.41 -20.35 3.88
CA VAL B 554 29.00 -20.06 2.59
C VAL B 554 28.34 -20.95 1.57
N LYS B 555 27.52 -20.36 0.70
CA LYS B 555 26.86 -21.09 -0.38
C LYS B 555 27.42 -20.57 -1.71
N THR B 556 27.54 -21.47 -2.68
CA THR B 556 28.17 -21.12 -3.94
C THR B 556 27.65 -22.00 -5.08
N ALA B 557 27.55 -21.43 -6.28
CA ALA B 557 27.09 -22.17 -7.46
C ALA B 557 25.74 -22.88 -7.16
N THR B 558 24.87 -22.12 -6.52
CA THR B 558 23.64 -22.70 -5.96
C THR B 558 22.50 -22.89 -6.98
N ARG B 559 22.46 -22.09 -8.05
CA ARG B 559 21.28 -22.14 -8.96
C ARG B 559 21.17 -23.42 -9.82
N VAL B 560 22.28 -23.76 -10.46
CA VAL B 560 22.36 -24.85 -11.41
C VAL B 560 23.35 -25.97 -10.99
N ILE B 561 24.56 -25.60 -10.58
CA ILE B 561 25.65 -26.57 -10.44
C ILE B 561 25.50 -27.49 -9.21
N LYS B 562 25.32 -26.92 -8.04
CA LYS B 562 25.13 -27.76 -6.85
C LYS B 562 23.89 -28.67 -7.01
N PRO B 563 22.73 -28.11 -7.41
CA PRO B 563 21.58 -29.00 -7.62
C PRO B 563 21.84 -30.13 -8.63
N LEU B 564 22.45 -29.84 -9.77
CA LEU B 564 22.89 -30.88 -10.72
C LEU B 564 23.80 -31.97 -10.09
N ILE B 565 24.77 -31.56 -9.29
CA ILE B 565 25.65 -32.52 -8.64
C ILE B 565 24.88 -33.40 -7.65
N ASP B 566 24.09 -32.73 -6.81
CA ASP B 566 23.31 -33.40 -5.79
C ASP B 566 22.27 -34.38 -6.40
N ARG B 567 21.59 -33.95 -7.46
CA ARG B 567 20.67 -34.85 -8.16
C ARG B 567 21.36 -36.02 -8.85
N THR B 568 22.48 -35.79 -9.53
CA THR B 568 23.20 -36.87 -10.19
C THR B 568 23.70 -37.91 -9.12
N PHE B 569 24.23 -37.40 -8.00
CA PHE B 569 24.63 -38.27 -6.88
C PHE B 569 23.47 -39.16 -6.40
N ALA B 570 22.37 -38.53 -6.00
CA ALA B 570 21.22 -39.26 -5.50
C ALA B 570 20.75 -40.31 -6.49
N THR B 571 20.91 -40.00 -7.78
CA THR B 571 20.42 -40.91 -8.81
C THR B 571 21.35 -42.10 -9.05
N VAL B 572 22.66 -41.87 -9.20
CA VAL B 572 23.57 -43.02 -9.38
C VAL B 572 23.59 -43.93 -8.14
N VAL B 573 23.45 -43.35 -6.95
CA VAL B 573 23.31 -44.13 -5.71
C VAL B 573 22.05 -45.01 -5.74
N LYS B 574 20.91 -44.47 -6.17
CA LYS B 574 19.69 -45.28 -6.24
C LYS B 574 19.99 -46.46 -7.17
N PHE B 575 20.51 -46.16 -8.35
CA PHE B 575 20.82 -47.18 -9.35
C PHE B 575 21.78 -48.24 -8.84
N PHE B 576 22.85 -47.80 -8.16
CA PHE B 576 23.81 -48.73 -7.56
C PHE B 576 23.10 -49.64 -6.53
N ASN B 577 22.32 -49.05 -5.62
CA ASN B 577 21.52 -49.80 -4.66
C ASN B 577 20.56 -50.82 -5.31
N GLN B 578 19.91 -50.46 -6.41
CA GLN B 578 19.00 -51.39 -7.13
C GLN B 578 19.77 -52.53 -7.81
N LYS B 579 20.92 -52.18 -8.37
CA LYS B 579 21.76 -53.08 -9.16
C LYS B 579 22.44 -54.13 -8.26
N PHE B 580 22.99 -53.68 -7.14
CA PHE B 580 23.75 -54.56 -6.26
C PHE B 580 23.01 -54.89 -4.98
N ASN B 581 21.70 -54.65 -4.95
CA ASN B 581 20.90 -54.96 -3.75
C ASN B 581 21.60 -54.39 -2.50
N ALA B 582 22.12 -53.17 -2.63
CA ALA B 582 22.84 -52.50 -1.56
C ALA B 582 21.98 -51.36 -0.96
N HIS B 583 22.58 -50.63 -0.01
CA HIS B 583 21.87 -49.67 0.84
C HIS B 583 22.73 -48.46 1.16
N LEU B 584 23.42 -47.90 0.15
CA LEU B 584 24.22 -46.70 0.33
C LEU B 584 23.33 -45.52 0.67
N ASP B 585 23.82 -44.66 1.54
CA ASP B 585 23.13 -43.41 1.86
C ASP B 585 23.17 -42.48 0.65
N ALA B 586 22.00 -42.01 0.21
CA ALA B 586 21.85 -41.09 -0.94
C ALA B 586 21.72 -39.59 -0.57
N THR B 587 21.74 -39.29 0.72
CA THR B 587 21.58 -37.90 1.14
C THR B 587 22.81 -37.06 0.73
N THR B 588 22.57 -35.80 0.44
CA THR B 588 23.59 -34.96 -0.17
C THR B 588 24.18 -33.86 0.72
N ASP B 589 23.51 -33.49 1.81
CA ASP B 589 24.17 -32.54 2.70
C ASP B 589 24.55 -33.28 3.96
N TYR B 590 25.83 -33.21 4.31
CA TYR B 590 26.32 -33.93 5.46
C TYR B 590 25.66 -33.39 6.71
N MET B 591 25.16 -34.29 7.56
CA MET B 591 24.54 -33.87 8.83
C MET B 591 25.03 -34.78 9.97
N PRO B 592 25.83 -34.23 10.91
CA PRO B 592 26.40 -35.01 12.03
C PRO B 592 25.37 -35.59 13.00
N HIS B 593 24.24 -34.89 13.15
CA HIS B 593 23.16 -35.33 14.05
C HIS B 593 22.13 -36.12 13.23
N LYS B 594 21.29 -36.92 13.92
CA LYS B 594 20.36 -37.88 13.28
C LYS B 594 18.91 -37.73 13.79
N LEU B 605 11.86 -34.83 6.82
CA LEU B 605 12.45 -33.49 6.85
C LEU B 605 13.90 -33.48 7.35
N PRO B 606 14.78 -32.74 6.66
CA PRO B 606 16.19 -32.66 7.08
C PRO B 606 16.45 -31.82 8.33
N LEU B 607 17.32 -32.33 9.21
CA LEU B 607 17.90 -31.48 10.26
C LEU B 607 18.79 -30.38 9.67
N GLN B 608 18.88 -29.25 10.36
CA GLN B 608 19.80 -28.20 9.99
C GLN B 608 20.56 -27.75 11.24
N VAL B 609 21.78 -27.31 11.02
CA VAL B 609 22.61 -26.72 12.06
C VAL B 609 22.88 -25.26 11.68
N LYS B 610 22.46 -24.35 12.53
CA LYS B 610 22.79 -22.94 12.38
C LYS B 610 23.38 -22.46 13.71
N ALA B 611 24.61 -21.99 13.66
CA ALA B 611 25.33 -21.60 14.85
C ALA B 611 25.18 -22.67 15.92
N ASN B 612 24.65 -22.30 17.08
CA ASN B 612 24.47 -23.27 18.15
C ASN B 612 23.05 -23.82 18.24
N ARG B 613 22.35 -23.83 17.10
CA ARG B 613 20.98 -24.38 17.04
C ARG B 613 20.98 -25.66 16.22
N VAL B 614 20.04 -26.55 16.53
CA VAL B 614 19.81 -27.75 15.73
C VAL B 614 18.32 -27.80 15.58
N LEU B 615 17.85 -27.76 14.33
CA LEU B 615 16.44 -27.57 13.99
C LEU B 615 15.97 -28.52 12.92
N ILE B 616 14.75 -29.03 13.09
CA ILE B 616 14.04 -29.69 12.00
C ILE B 616 13.54 -28.59 11.07
N SER B 617 13.76 -28.76 9.78
CA SER B 617 13.28 -27.80 8.80
C SER B 617 11.76 -27.75 8.89
N PRO B 618 11.22 -26.54 9.01
CA PRO B 618 9.77 -26.36 9.13
C PRO B 618 8.99 -27.44 8.38
N GLU B 632 11.98 -37.98 17.52
CA GLU B 632 13.24 -38.08 18.27
C GLU B 632 14.50 -37.58 17.54
N ILE B 633 15.32 -36.79 18.24
CA ILE B 633 16.62 -36.29 17.72
C ILE B 633 17.80 -36.83 18.55
N GLU B 634 18.86 -37.25 17.87
CA GLU B 634 20.08 -37.68 18.54
C GLU B 634 21.29 -36.87 18.06
N LEU B 635 21.83 -36.03 18.94
CA LEU B 635 23.06 -35.28 18.63
C LEU B 635 24.27 -36.21 18.62
N ASP B 636 25.38 -35.75 18.05
CA ASP B 636 26.58 -36.57 17.87
C ASP B 636 27.45 -36.62 19.11
N ALA B 637 26.97 -35.98 20.18
CA ALA B 637 27.62 -36.00 21.51
C ALA B 637 26.66 -35.39 22.53
N ILE B 638 27.01 -35.49 23.81
CA ILE B 638 26.30 -34.81 24.89
C ILE B 638 26.73 -33.34 24.89
N TYR B 639 25.80 -32.40 24.83
CA TYR B 639 26.13 -30.96 24.99
C TYR B 639 25.29 -30.42 26.14
N PRO B 640 25.70 -29.27 26.73
CA PRO B 640 24.78 -28.60 27.65
C PRO B 640 23.63 -27.90 26.91
N GLY B 641 22.40 -28.13 27.34
CA GLY B 641 21.23 -27.61 26.63
C GLY B 641 20.77 -26.26 27.14
N GLU B 642 20.35 -25.40 26.22
CA GLU B 642 20.07 -24.01 26.56
C GLU B 642 18.56 -23.82 26.61
N ASN B 643 17.90 -24.16 25.50
CA ASN B 643 16.44 -24.06 25.34
C ASN B 643 15.88 -24.77 24.08
N ILE B 644 14.56 -24.96 24.05
CA ILE B 644 13.83 -25.55 22.92
C ILE B 644 12.59 -24.72 22.56
N GLN B 645 12.41 -24.45 21.26
CA GLN B 645 11.33 -23.62 20.72
C GLN B 645 10.57 -24.35 19.63
N ILE B 646 9.30 -24.62 19.90
CA ILE B 646 8.47 -25.39 18.99
C ILE B 646 7.23 -24.56 18.65
N ASN B 647 6.89 -24.52 17.36
CA ASN B 647 5.70 -23.81 16.89
C ASN B 647 4.84 -24.69 16.00
N PHE B 648 3.53 -24.68 16.27
CA PHE B 648 2.56 -25.46 15.49
C PHE B 648 1.48 -24.56 14.87
N LEU B 680 5.52 -22.18 22.00
CA LEU B 680 6.12 -22.97 23.07
C LEU B 680 7.62 -22.77 23.22
N SER B 681 8.10 -22.82 24.46
CA SER B 681 9.53 -22.83 24.75
C SER B 681 9.84 -23.18 26.20
N ALA B 682 11.05 -23.71 26.41
CA ALA B 682 11.49 -24.05 27.76
C ALA B 682 12.99 -23.84 27.84
N GLY B 683 13.45 -23.31 28.96
CA GLY B 683 14.87 -23.20 29.23
C GLY B 683 15.34 -24.55 29.72
N LEU B 684 16.48 -25.00 29.23
CA LEU B 684 17.02 -26.29 29.68
C LEU B 684 18.01 -26.16 30.85
N GLN B 685 18.39 -24.92 31.22
CA GLN B 685 19.31 -24.64 32.35
C GLN B 685 20.66 -25.42 32.31
N LYS B 686 21.29 -25.46 31.14
CA LYS B 686 22.58 -26.18 30.97
C LYS B 686 22.55 -27.71 31.13
N ALA B 687 21.37 -28.32 31.22
CA ALA B 687 21.25 -29.76 31.49
C ALA B 687 21.80 -30.56 30.31
N PRO B 688 22.61 -31.61 30.60
CA PRO B 688 23.23 -32.38 29.51
C PRO B 688 22.14 -32.99 28.65
N VAL B 689 22.32 -32.93 27.33
CA VAL B 689 21.39 -33.54 26.41
C VAL B 689 22.15 -34.18 25.24
N LYS B 690 21.76 -35.40 24.92
CA LYS B 690 22.16 -36.06 23.68
C LYS B 690 20.94 -36.37 22.83
N PHE B 691 19.89 -36.89 23.48
CA PHE B 691 18.63 -37.21 22.81
C PHE B 691 17.53 -36.20 23.19
N VAL B 692 16.77 -35.75 22.19
CA VAL B 692 15.53 -34.99 22.40
C VAL B 692 14.41 -35.75 21.68
N ARG B 693 13.22 -35.78 22.29
CA ARG B 693 12.11 -36.64 21.84
C ARG B 693 10.75 -36.01 22.20
N PHE B 694 9.80 -36.08 21.27
CA PHE B 694 8.49 -35.50 21.50
C PHE B 694 7.38 -36.50 21.28
N PHE B 709 10.58 -26.19 15.31
CA PHE B 709 11.28 -27.13 16.17
C PHE B 709 12.83 -26.91 16.19
N VAL B 710 13.30 -26.14 17.19
CA VAL B 710 14.72 -25.74 17.33
C VAL B 710 15.25 -26.00 18.76
N LEU B 711 16.43 -26.60 18.84
CA LEU B 711 17.17 -26.87 20.08
C LEU B 711 18.43 -26.01 20.10
N THR B 712 18.61 -25.24 21.16
CA THR B 712 19.83 -24.48 21.34
C THR B 712 20.69 -25.19 22.39
N ILE B 713 21.96 -25.40 22.07
CA ILE B 713 22.92 -26.05 22.95
C ILE B 713 24.05 -25.03 23.18
N GLU B 714 24.95 -25.34 24.12
CA GLU B 714 26.16 -24.56 24.33
C GLU B 714 27.26 -25.06 23.40
N LYS B 715 27.69 -24.18 22.48
CA LYS B 715 28.59 -24.52 21.36
C LYS B 715 29.06 -23.25 20.62
#